data_4O1A
#
_entry.id   4O1A
#
_cell.length_a   60.707
_cell.length_b   106.048
_cell.length_c   82.482
_cell.angle_alpha   90.00
_cell.angle_beta   96.26
_cell.angle_gamma   90.00
#
_symmetry.space_group_name_H-M   'P 1 21 1'
#
loop_
_entity.id
_entity.type
_entity.pdbx_description
1 polymer 'Nicotinamide phosphoribosyltransferase'
2 non-polymer 'PHOSPHATE ION'
3 non-polymer 1,2-ETHANEDIOL
4 water water
#
_entity_poly.entity_id   1
_entity_poly.type   'polypeptide(L)'
_entity_poly.pdbx_seq_one_letter_code
;MNPAAEAEFNILLATDSYKVTHYKQYPPNTSKVYSYFECREKKTENSKLRKVKYEETVFYGLQYILNKYLKGKVVTKEKI
QEAKDVYKEHFQDDVFNEKGWNYILEKYDGHLPIEIKAVPEGFVIPRGNVLFTVENTDPECYWLTNWIETILVQSWYPIT
VATNSREQKKILAKYLLETSGNLDGLEYKLHDFGYRGVSSQETAGIGASAHLVNFKRTDTVAGLALIKKYYGTKDPVPGY
SVPAAEHSTITAWGKDHEKDAFEHIVTQFSSVPVSVVSDSYDIYNACEKIWGEDLRHLIVSRSTQAPLIIRPDSGNPLDT
VLKVLEILGKKFPVTENSKGYKLLPPYLRVIQGDGVDINTLQEIVEGMKQKMWSIENIAFGSGGGLLQKLTRDLLNCSFK
CSYVVTNGLGINVFKDPVADPNKRSKKGRLSLHRTPAGNFVTLEEGKGDLEEYGQDLLHTVFKNGKVTKSYSFDEIRKNA
QLNIELEAAHHLEHHHHHHHH
;
_entity_poly.pdbx_strand_id   A,B
#
loop_
_chem_comp.id
_chem_comp.type
_chem_comp.name
_chem_comp.formula
EDO non-polymer 1,2-ETHANEDIOL 'C2 H6 O2'
PO4 non-polymer 'PHOSPHATE ION' 'O4 P -3'
#
# COMPACT_ATOMS: atom_id res chain seq x y z
N GLU A 8 -6.24 5.87 -20.25
CA GLU A 8 -5.92 4.45 -20.44
C GLU A 8 -4.49 4.14 -19.99
N PHE A 9 -4.27 2.93 -19.51
CA PHE A 9 -2.96 2.49 -19.05
C PHE A 9 -1.95 2.46 -20.20
N ASN A 10 -0.75 2.99 -19.96
CA ASN A 10 0.31 3.01 -20.98
C ASN A 10 1.59 2.42 -20.42
N ILE A 11 1.94 1.22 -20.91
CA ILE A 11 3.11 0.49 -20.41
C ILE A 11 4.41 1.28 -20.59
N LEU A 12 4.42 2.22 -21.53
CA LEU A 12 5.59 3.03 -21.76
C LEU A 12 5.78 4.04 -20.64
N LEU A 13 4.72 4.31 -19.88
CA LEU A 13 4.78 5.24 -18.74
C LEU A 13 4.66 4.47 -17.42
N ALA A 14 4.87 3.17 -17.47
CA ALA A 14 4.72 2.36 -16.25
C ALA A 14 6.03 1.74 -15.78
N THR A 15 7.09 2.52 -15.82
CA THR A 15 8.39 2.03 -15.35
C THR A 15 8.99 3.13 -14.49
N ASP A 16 10.04 2.79 -13.71
CA ASP A 16 10.80 3.81 -13.00
C ASP A 16 11.44 4.69 -14.07
N SER A 17 11.37 6.00 -13.86
CA SER A 17 11.89 6.96 -14.85
C SER A 17 13.28 6.62 -15.38
N TYR A 18 14.22 6.28 -14.52
CA TYR A 18 15.59 6.04 -14.97
C TYR A 18 15.73 4.91 -16.00
N LYS A 19 14.81 3.97 -15.97
CA LYS A 19 14.82 2.87 -16.94
C LYS A 19 14.66 3.32 -18.39
N VAL A 20 14.10 4.51 -18.57
CA VAL A 20 13.99 5.12 -19.89
C VAL A 20 15.38 5.33 -20.51
N THR A 21 16.38 5.55 -19.65
CA THR A 21 17.73 5.85 -20.10
C THR A 21 18.65 4.64 -20.21
N HIS A 22 18.16 3.47 -19.80
CA HIS A 22 19.03 2.30 -19.71
C HIS A 22 19.46 1.70 -21.05
N TYR A 23 18.66 1.88 -22.11
CA TYR A 23 19.06 1.38 -23.43
C TYR A 23 20.39 1.99 -23.91
N LYS A 24 20.78 3.13 -23.35
CA LYS A 24 22.04 3.78 -23.71
C LYS A 24 23.21 3.32 -22.82
N GLN A 25 22.93 2.46 -21.85
CA GLN A 25 23.91 2.15 -20.80
C GLN A 25 24.42 0.71 -20.80
N TYR A 26 23.66 -0.21 -21.36
CA TYR A 26 24.11 -1.60 -21.45
C TYR A 26 25.31 -1.71 -22.40
N PRO A 27 26.09 -2.79 -22.28
CA PRO A 27 27.22 -2.94 -23.20
C PRO A 27 26.72 -3.02 -24.63
N PRO A 28 27.38 -2.32 -25.54
CA PRO A 28 27.11 -2.50 -26.96
C PRO A 28 27.18 -3.96 -27.38
N ASN A 29 26.36 -4.33 -28.36
CA ASN A 29 26.32 -5.68 -28.93
C ASN A 29 25.73 -6.71 -27.99
N THR A 30 24.84 -6.24 -27.11
CA THR A 30 24.13 -7.10 -26.18
C THR A 30 22.80 -7.53 -26.79
N SER A 31 22.61 -8.84 -26.95
CA SER A 31 21.44 -9.37 -27.64
C SER A 31 20.42 -9.97 -26.65
N LYS A 32 20.86 -10.17 -25.42
CA LYS A 32 20.02 -10.83 -24.41
C LYS A 32 20.25 -10.27 -23.01
N VAL A 33 19.16 -9.94 -22.34
CA VAL A 33 19.22 -9.62 -20.91
C VAL A 33 18.24 -10.58 -20.23
N TYR A 34 18.76 -11.34 -19.28
CA TYR A 34 17.99 -12.37 -18.58
C TYR A 34 18.02 -12.03 -17.10
N SER A 35 16.84 -11.95 -16.52
CA SER A 35 16.70 -11.50 -15.13
C SER A 35 15.78 -12.44 -14.35
N TYR A 36 15.82 -12.35 -13.03
CA TYR A 36 15.07 -13.29 -12.20
C TYR A 36 14.56 -12.60 -10.96
N PHE A 37 13.57 -13.21 -10.32
CA PHE A 37 12.96 -12.64 -9.12
C PHE A 37 13.09 -13.69 -8.02
N GLU A 38 13.49 -13.25 -6.84
CA GLU A 38 13.54 -14.15 -5.67
C GLU A 38 13.08 -13.40 -4.43
N CYS A 39 12.78 -14.15 -3.36
CA CYS A 39 12.59 -13.51 -2.07
C CYS A 39 13.87 -13.82 -1.32
N ARG A 40 14.82 -12.90 -1.43
CA ARG A 40 16.19 -13.15 -1.01
C ARG A 40 16.28 -13.62 0.44
N GLU A 41 17.17 -14.58 0.68
CA GLU A 41 17.44 -15.03 2.04
C GLU A 41 18.10 -13.89 2.80
N LYS A 42 17.94 -13.88 4.12
CA LYS A 42 18.56 -12.84 4.94
C LYS A 42 19.20 -13.40 6.20
N LYS A 43 20.53 -13.30 6.28
CA LYS A 43 21.29 -13.79 7.44
C LYS A 43 20.78 -13.20 8.76
N LYS A 53 10.00 -14.91 11.03
CA LYS A 53 11.12 -15.42 10.24
C LYS A 53 10.80 -15.57 8.75
N TYR A 54 9.60 -16.05 8.44
CA TYR A 54 9.15 -16.21 7.05
C TYR A 54 10.12 -17.01 6.17
N GLU A 55 10.30 -18.29 6.48
CA GLU A 55 11.28 -19.11 5.77
C GLU A 55 10.78 -19.60 4.41
N GLU A 56 9.48 -19.53 4.19
CA GLU A 56 8.91 -19.96 2.92
C GLU A 56 7.84 -18.97 2.46
N THR A 57 7.72 -18.76 1.15
CA THR A 57 6.78 -17.78 0.62
C THR A 57 5.78 -18.43 -0.34
N VAL A 58 4.57 -17.91 -0.39
CA VAL A 58 3.56 -18.35 -1.34
C VAL A 58 3.71 -17.56 -2.61
N PHE A 59 3.95 -18.22 -3.74
CA PHE A 59 4.03 -17.46 -5.01
C PHE A 59 2.64 -17.20 -5.56
N TYR A 60 2.21 -15.94 -5.53
CA TYR A 60 0.88 -15.57 -6.01
C TYR A 60 0.83 -14.15 -6.56
N GLY A 61 0.12 -13.95 -7.66
CA GLY A 61 -0.19 -12.61 -8.13
C GLY A 61 0.32 -12.25 -9.51
N LEU A 62 1.26 -13.04 -10.04
CA LEU A 62 1.85 -12.74 -11.35
C LEU A 62 0.81 -12.77 -12.47
N GLN A 63 -0.09 -13.76 -12.41
CA GLN A 63 -1.12 -13.94 -13.44
C GLN A 63 -1.99 -12.70 -13.60
N TYR A 64 -2.32 -12.06 -12.48
CA TYR A 64 -3.05 -10.79 -12.51
C TYR A 64 -2.29 -9.75 -13.36
N ILE A 65 -1.02 -9.57 -13.03
CA ILE A 65 -0.18 -8.62 -13.73
C ILE A 65 -0.05 -8.94 -15.22
N LEU A 66 0.19 -10.21 -15.55
CA LEU A 66 0.34 -10.62 -16.97
C LEU A 66 -0.89 -10.24 -17.80
N ASN A 67 -2.06 -10.53 -17.26
CA ASN A 67 -3.32 -10.29 -17.96
C ASN A 67 -3.74 -8.85 -18.00
N LYS A 68 -3.62 -8.16 -16.87
CA LYS A 68 -4.09 -6.79 -16.81
C LYS A 68 -3.17 -5.83 -17.56
N TYR A 69 -1.87 -6.08 -17.51
CA TYR A 69 -0.92 -5.09 -17.97
C TYR A 69 0.02 -5.48 -19.13
N LEU A 70 0.39 -6.75 -19.23
CA LEU A 70 1.44 -7.14 -20.18
C LEU A 70 0.96 -7.80 -21.47
N LYS A 71 -0.20 -8.45 -21.45
CA LYS A 71 -0.62 -9.21 -22.63
C LYS A 71 -1.25 -8.39 -23.75
N GLY A 72 -1.13 -8.90 -24.97
CA GLY A 72 -1.82 -8.32 -26.10
C GLY A 72 -1.10 -7.12 -26.69
N LYS A 73 -1.83 -6.33 -27.46
CA LYS A 73 -1.26 -5.13 -28.08
C LYS A 73 -1.17 -4.03 -27.03
N VAL A 74 0.01 -3.89 -26.43
CA VAL A 74 0.22 -2.90 -25.38
C VAL A 74 0.99 -1.67 -25.87
N VAL A 75 1.40 -1.70 -27.13
CA VAL A 75 2.08 -0.56 -27.76
C VAL A 75 1.23 -0.08 -28.92
N THR A 76 1.00 1.23 -28.99
CA THR A 76 0.35 1.87 -30.14
C THR A 76 1.12 3.14 -30.52
N LYS A 77 0.85 3.66 -31.71
CA LYS A 77 1.46 4.92 -32.15
C LYS A 77 1.22 6.03 -31.15
N GLU A 78 -0.03 6.12 -30.69
CA GLU A 78 -0.43 7.18 -29.76
C GLU A 78 0.24 7.06 -28.39
N LYS A 79 0.38 5.84 -27.89
CA LYS A 79 1.06 5.62 -26.62
C LYS A 79 2.54 5.97 -26.72
N ILE A 80 3.16 5.66 -27.86
CA ILE A 80 4.54 6.06 -28.09
C ILE A 80 4.70 7.58 -28.06
N GLN A 81 3.83 8.29 -28.80
CA GLN A 81 3.92 9.74 -28.86
C GLN A 81 3.63 10.38 -27.49
N GLU A 82 2.67 9.80 -26.76
CA GLU A 82 2.36 10.23 -25.39
C GLU A 82 3.62 10.16 -24.53
N ALA A 83 4.27 9.00 -24.55
CA ALA A 83 5.46 8.81 -23.71
C ALA A 83 6.57 9.78 -24.12
N LYS A 84 6.77 9.93 -25.42
CA LYS A 84 7.77 10.87 -25.92
C LYS A 84 7.55 12.27 -25.34
N ASP A 85 6.30 12.74 -25.40
CA ASP A 85 5.93 14.08 -24.93
C ASP A 85 6.17 14.26 -23.44
N VAL A 86 5.82 13.24 -22.67
CA VAL A 86 5.96 13.28 -21.20
C VAL A 86 7.44 13.26 -20.82
N TYR A 87 8.19 12.32 -21.40
CA TYR A 87 9.59 12.17 -21.04
C TYR A 87 10.44 13.37 -21.44
N LYS A 88 10.03 14.05 -22.52
CA LYS A 88 10.70 15.27 -22.91
C LYS A 88 10.68 16.30 -21.77
N GLU A 89 9.51 16.47 -21.16
CA GLU A 89 9.36 17.44 -20.07
C GLU A 89 9.93 16.91 -18.76
N HIS A 90 9.68 15.63 -18.50
CA HIS A 90 10.09 14.98 -17.26
C HIS A 90 11.61 14.98 -17.10
N PHE A 91 12.32 14.75 -18.20
CA PHE A 91 13.79 14.74 -18.17
C PHE A 91 14.41 16.08 -18.61
N GLN A 92 13.61 16.98 -19.16
CA GLN A 92 14.13 18.19 -19.80
C GLN A 92 15.19 17.82 -20.83
N ASP A 93 14.95 16.71 -21.52
CA ASP A 93 15.92 16.13 -22.43
C ASP A 93 15.19 15.11 -23.28
N ASP A 94 15.73 14.84 -24.47
CA ASP A 94 15.05 13.99 -25.46
C ASP A 94 15.29 12.48 -25.32
N VAL A 95 16.01 12.07 -24.28
CA VAL A 95 16.31 10.65 -24.10
C VAL A 95 15.00 9.83 -24.03
N PHE A 96 14.88 8.87 -24.93
CA PHE A 96 13.68 8.03 -25.05
C PHE A 96 13.84 7.17 -26.28
N ASN A 97 13.74 5.85 -26.07
CA ASN A 97 13.97 4.89 -27.12
C ASN A 97 12.72 4.71 -28.01
N GLU A 98 12.39 5.75 -28.76
CA GLU A 98 11.26 5.71 -29.67
C GLU A 98 11.45 4.63 -30.75
N LYS A 99 12.66 4.50 -31.27
CA LYS A 99 12.93 3.46 -32.29
C LYS A 99 12.71 2.06 -31.74
N GLY A 100 13.16 1.83 -30.52
CA GLY A 100 12.96 0.56 -29.85
C GLY A 100 11.48 0.19 -29.72
N TRP A 101 10.69 1.16 -29.28
CA TRP A 101 9.25 0.95 -29.12
C TRP A 101 8.54 0.83 -30.46
N ASN A 102 8.92 1.66 -31.43
CA ASN A 102 8.37 1.52 -32.77
C ASN A 102 8.59 0.15 -33.39
N TYR A 103 9.78 -0.41 -33.16
CA TYR A 103 10.11 -1.75 -33.63
C TYR A 103 9.12 -2.79 -33.10
N ILE A 104 8.82 -2.72 -31.81
CA ILE A 104 7.89 -3.67 -31.22
C ILE A 104 6.51 -3.51 -31.86
N LEU A 105 6.10 -2.26 -32.07
CA LEU A 105 4.83 -1.96 -32.72
C LEU A 105 4.76 -2.52 -34.13
N GLU A 106 5.79 -2.25 -34.93
CA GLU A 106 5.79 -2.64 -36.35
C GLU A 106 5.96 -4.13 -36.57
N LYS A 107 6.86 -4.74 -35.81
CA LYS A 107 7.24 -6.13 -36.05
C LYS A 107 6.31 -7.11 -35.33
N TYR A 108 5.84 -6.73 -34.15
CA TYR A 108 5.05 -7.63 -33.31
C TYR A 108 3.62 -7.15 -33.05
N ASP A 109 3.15 -6.19 -33.84
CA ASP A 109 1.82 -5.62 -33.65
C ASP A 109 1.63 -5.18 -32.18
N GLY A 110 2.69 -4.60 -31.62
CA GLY A 110 2.65 -4.07 -30.27
C GLY A 110 2.61 -5.08 -29.13
N HIS A 111 2.90 -6.35 -29.41
CA HIS A 111 2.99 -7.38 -28.36
C HIS A 111 4.44 -7.44 -27.87
N LEU A 112 4.64 -7.63 -26.56
CA LEU A 112 5.98 -7.64 -25.98
C LEU A 112 6.78 -8.92 -26.28
N PRO A 113 7.92 -8.78 -26.97
CA PRO A 113 8.77 -9.95 -27.24
C PRO A 113 9.59 -10.36 -26.01
N ILE A 114 8.86 -10.96 -25.06
CA ILE A 114 9.40 -11.34 -23.76
C ILE A 114 8.92 -12.75 -23.46
N GLU A 115 9.78 -13.57 -22.86
CA GLU A 115 9.34 -14.83 -22.26
C GLU A 115 9.49 -14.81 -20.74
N ILE A 116 8.42 -15.16 -20.04
CA ILE A 116 8.48 -15.24 -18.59
C ILE A 116 8.15 -16.67 -18.18
N LYS A 117 9.02 -17.26 -17.37
CA LYS A 117 8.79 -18.59 -16.81
C LYS A 117 8.65 -18.44 -15.31
N ALA A 118 7.74 -19.19 -14.72
CA ALA A 118 7.43 -19.00 -13.31
C ALA A 118 7.03 -20.31 -12.64
N VAL A 119 7.27 -20.38 -11.34
CA VAL A 119 6.82 -21.50 -10.51
C VAL A 119 5.28 -21.39 -10.47
N PRO A 120 4.58 -22.52 -10.38
CA PRO A 120 3.10 -22.43 -10.39
C PRO A 120 2.55 -21.61 -9.22
N GLU A 121 1.51 -20.83 -9.48
CA GLU A 121 0.97 -20.00 -8.42
C GLU A 121 0.38 -20.86 -7.31
N GLY A 122 0.59 -20.43 -6.07
CA GLY A 122 0.15 -21.20 -4.93
C GLY A 122 1.32 -21.97 -4.33
N PHE A 123 2.34 -22.25 -5.15
CA PHE A 123 3.53 -22.97 -4.66
C PHE A 123 4.17 -22.26 -3.46
N VAL A 124 4.56 -23.05 -2.47
CA VAL A 124 5.20 -22.54 -1.27
C VAL A 124 6.68 -22.90 -1.36
N ILE A 125 7.53 -21.89 -1.49
CA ILE A 125 8.95 -22.07 -1.80
C ILE A 125 9.79 -21.42 -0.72
N PRO A 126 10.83 -22.13 -0.22
CA PRO A 126 11.76 -21.50 0.72
C PRO A 126 12.45 -20.27 0.15
N ARG A 127 12.83 -19.35 1.04
CA ARG A 127 13.58 -18.15 0.68
C ARG A 127 14.84 -18.49 -0.12
N GLY A 128 15.23 -17.58 -1.00
CA GLY A 128 16.49 -17.71 -1.72
C GLY A 128 16.40 -18.55 -2.97
N ASN A 129 15.20 -18.70 -3.51
CA ASN A 129 14.98 -19.50 -4.71
C ASN A 129 14.41 -18.67 -5.84
N VAL A 130 14.76 -19.03 -7.07
CA VAL A 130 14.16 -18.36 -8.22
C VAL A 130 12.66 -18.65 -8.28
N LEU A 131 11.87 -17.61 -8.47
CA LEU A 131 10.41 -17.77 -8.52
C LEU A 131 9.91 -17.50 -9.93
N PHE A 132 10.48 -16.50 -10.59
CA PHE A 132 10.26 -16.35 -12.01
C PHE A 132 11.46 -15.74 -12.71
N THR A 133 11.55 -15.99 -14.02
CA THR A 133 12.61 -15.37 -14.83
C THR A 133 12.00 -14.60 -15.99
N VAL A 134 12.78 -13.69 -16.57
CA VAL A 134 12.33 -12.84 -17.64
C VAL A 134 13.47 -12.68 -18.63
N GLU A 135 13.17 -12.86 -19.91
CA GLU A 135 14.16 -12.61 -20.96
C GLU A 135 13.52 -12.11 -22.24
N ASN A 136 14.29 -11.39 -23.05
CA ASN A 136 13.79 -10.95 -24.34
C ASN A 136 13.88 -12.08 -25.36
N THR A 137 12.92 -12.11 -26.29
CA THR A 137 12.91 -13.15 -27.31
C THR A 137 13.44 -12.65 -28.65
N ASP A 138 13.67 -11.35 -28.74
CA ASP A 138 14.22 -10.71 -29.95
C ASP A 138 15.42 -9.88 -29.50
N PRO A 139 16.59 -10.09 -30.14
CA PRO A 139 17.84 -9.38 -29.80
C PRO A 139 17.70 -7.85 -29.78
N GLU A 140 16.80 -7.31 -30.60
CA GLU A 140 16.61 -5.85 -30.66
C GLU A 140 16.03 -5.34 -29.34
N CYS A 141 15.42 -6.25 -28.58
CA CYS A 141 14.67 -5.87 -27.39
C CYS A 141 15.36 -6.25 -26.09
N TYR A 142 16.69 -6.29 -26.11
CA TYR A 142 17.50 -6.55 -24.94
C TYR A 142 17.13 -5.63 -23.76
N TRP A 143 16.76 -4.38 -24.08
CA TRP A 143 16.43 -3.35 -23.08
C TRP A 143 15.08 -3.56 -22.39
N LEU A 144 14.23 -4.40 -22.96
CA LEU A 144 12.85 -4.53 -22.53
C LEU A 144 12.71 -5.39 -21.26
N THR A 145 13.66 -6.30 -21.09
CA THR A 145 13.61 -7.23 -19.94
C THR A 145 13.53 -6.44 -18.65
N ASN A 146 14.44 -5.49 -18.49
CA ASN A 146 14.44 -4.72 -17.26
C ASN A 146 13.51 -3.51 -17.25
N TRP A 147 13.06 -3.08 -18.44
CA TRP A 147 12.00 -2.06 -18.53
C TRP A 147 10.82 -2.47 -17.65
N ILE A 148 10.43 -3.74 -17.75
CA ILE A 148 9.26 -4.24 -17.03
C ILE A 148 9.55 -4.74 -15.63
N GLU A 149 10.77 -4.53 -15.13
CA GLU A 149 11.08 -4.88 -13.75
C GLU A 149 10.08 -4.26 -12.77
N THR A 150 9.83 -2.96 -12.95
CA THR A 150 9.03 -2.18 -12.00
C THR A 150 7.66 -2.79 -11.84
N ILE A 151 7.01 -3.05 -12.97
CA ILE A 151 5.67 -3.61 -12.93
C ILE A 151 5.66 -5.04 -12.38
N LEU A 152 6.67 -5.84 -12.73
CA LEU A 152 6.70 -7.23 -12.27
C LEU A 152 7.02 -7.32 -10.78
N VAL A 153 7.90 -6.46 -10.31
CA VAL A 153 8.31 -6.45 -8.90
C VAL A 153 7.14 -6.17 -7.96
N GLN A 154 6.13 -5.45 -8.44
CA GLN A 154 4.95 -5.22 -7.62
C GLN A 154 4.24 -6.51 -7.23
N SER A 155 4.65 -7.63 -7.83
CA SER A 155 4.18 -8.94 -7.39
C SER A 155 4.62 -9.21 -5.95
N TRP A 156 5.56 -8.43 -5.43
CA TRP A 156 5.97 -8.56 -4.03
C TRP A 156 4.75 -8.50 -3.11
N TYR A 157 3.80 -7.66 -3.48
CA TYR A 157 2.68 -7.38 -2.60
C TYR A 157 1.73 -8.58 -2.41
N PRO A 158 1.16 -9.12 -3.51
CA PRO A 158 0.35 -10.32 -3.28
C PRO A 158 1.16 -11.49 -2.73
N ILE A 159 2.43 -11.60 -3.11
CA ILE A 159 3.26 -12.63 -2.50
C ILE A 159 3.32 -12.46 -0.99
N THR A 160 3.61 -11.23 -0.57
CA THR A 160 3.80 -10.96 0.86
C THR A 160 2.51 -11.04 1.66
N VAL A 161 1.40 -10.56 1.10
CA VAL A 161 0.13 -10.73 1.78
C VAL A 161 -0.23 -12.21 1.93
N ALA A 162 -0.15 -12.95 0.84
CA ALA A 162 -0.47 -14.38 0.88
C ALA A 162 0.44 -15.10 1.87
N THR A 163 1.70 -14.73 1.88
CA THR A 163 2.68 -15.37 2.78
C THR A 163 2.40 -15.05 4.24
N ASN A 164 2.23 -13.77 4.54
CA ASN A 164 1.95 -13.35 5.91
C ASN A 164 0.59 -13.87 6.43
N SER A 165 -0.41 -13.88 5.56
CA SER A 165 -1.70 -14.46 5.91
C SER A 165 -1.56 -15.96 6.25
N ARG A 166 -0.81 -16.68 5.41
CA ARG A 166 -0.58 -18.11 5.61
C ARG A 166 0.17 -18.38 6.92
N GLU A 167 1.15 -17.53 7.25
CA GLU A 167 1.86 -17.68 8.53
C GLU A 167 0.96 -17.49 9.74
N GLN A 168 -0.02 -16.57 9.62
CA GLN A 168 -1.02 -16.45 10.67
C GLN A 168 -1.93 -17.67 10.73
N LYS A 169 -2.25 -18.24 9.57
CA LYS A 169 -3.00 -19.50 9.53
C LYS A 169 -2.26 -20.63 10.26
N LYS A 170 -0.94 -20.66 10.14
CA LYS A 170 -0.15 -21.67 10.84
C LYS A 170 -0.28 -21.54 12.36
N ILE A 171 -0.25 -20.30 12.84
CA ILE A 171 -0.40 -20.02 14.27
C ILE A 171 -1.79 -20.43 14.78
N LEU A 172 -2.82 -20.00 14.05
CA LEU A 172 -4.19 -20.38 14.38
C LEU A 172 -4.36 -21.89 14.40
N ALA A 173 -3.81 -22.55 13.39
CA ALA A 173 -3.94 -24.00 13.28
C ALA A 173 -3.30 -24.71 14.46
N LYS A 174 -2.08 -24.27 14.81
CA LYS A 174 -1.34 -24.88 15.91
C LYS A 174 -2.12 -24.77 17.23
N TYR A 175 -2.64 -23.59 17.51
CA TYR A 175 -3.37 -23.36 18.75
C TYR A 175 -4.79 -23.95 18.74
N LEU A 176 -5.48 -23.85 17.61
CA LEU A 176 -6.77 -24.51 17.47
C LEU A 176 -6.61 -26.03 17.69
N LEU A 177 -5.56 -26.61 17.11
CA LEU A 177 -5.35 -28.05 17.26
C LEU A 177 -5.04 -28.40 18.72
N GLU A 178 -4.19 -27.60 19.36
CA GLU A 178 -3.83 -27.88 20.74
C GLU A 178 -5.01 -27.73 21.71
N THR A 179 -5.84 -26.73 21.49
CA THR A 179 -6.90 -26.44 22.46
C THR A 179 -8.23 -27.11 22.14
N SER A 180 -8.35 -27.69 20.95
CA SER A 180 -9.64 -28.26 20.54
C SER A 180 -9.56 -29.66 19.95
N GLY A 181 -8.39 -30.04 19.46
CA GLY A 181 -8.19 -31.36 18.89
C GLY A 181 -8.52 -31.46 17.41
N ASN A 182 -8.86 -30.34 16.78
CA ASN A 182 -9.12 -30.33 15.35
C ASN A 182 -8.96 -28.95 14.72
N LEU A 183 -9.22 -28.86 13.43
CA LEU A 183 -9.01 -27.61 12.69
C LEU A 183 -10.32 -27.05 12.13
N ASP A 184 -11.44 -27.52 12.66
CA ASP A 184 -12.74 -27.07 12.14
C ASP A 184 -12.88 -25.56 12.21
N GLY A 185 -13.23 -24.96 11.07
CA GLY A 185 -13.49 -23.52 11.02
C GLY A 185 -12.24 -22.67 10.89
N LEU A 186 -11.09 -23.33 10.73
CA LEU A 186 -9.81 -22.64 10.64
C LEU A 186 -9.83 -21.58 9.54
N GLU A 187 -10.46 -21.90 8.42
CA GLU A 187 -10.46 -21.00 7.26
C GLU A 187 -11.35 -19.75 7.46
N TYR A 188 -12.05 -19.70 8.59
CA TYR A 188 -12.93 -18.58 8.91
C TYR A 188 -12.42 -17.76 10.08
N LYS A 189 -11.23 -18.08 10.58
CA LYS A 189 -10.73 -17.45 11.81
C LYS A 189 -9.94 -16.15 11.62
N LEU A 190 -9.57 -15.82 10.39
CA LEU A 190 -8.92 -14.55 10.12
C LEU A 190 -9.72 -13.82 9.03
N HIS A 191 -10.42 -12.76 9.44
CA HIS A 191 -11.33 -11.99 8.59
C HIS A 191 -10.66 -10.68 8.11
N ASP A 192 -10.56 -10.50 6.80
CA ASP A 192 -9.98 -9.30 6.18
C ASP A 192 -10.88 -8.08 6.42
N PHE A 193 -10.39 -7.15 7.24
CA PHE A 193 -11.07 -5.89 7.54
C PHE A 193 -10.35 -4.71 6.87
N GLY A 194 -9.50 -5.00 5.88
CA GLY A 194 -8.53 -4.02 5.40
C GLY A 194 -8.90 -2.99 4.36
N TYR A 195 -10.16 -2.98 3.91
CA TYR A 195 -10.53 -2.17 2.74
C TYR A 195 -10.20 -0.68 2.95
N ARG A 196 -10.54 -0.16 4.11
CA ARG A 196 -10.37 1.27 4.33
C ARG A 196 -8.92 1.62 4.68
N GLY A 197 -8.19 0.63 5.19
CA GLY A 197 -6.82 0.83 5.62
C GLY A 197 -5.73 0.61 4.57
N VAL A 198 -6.13 0.27 3.35
CA VAL A 198 -5.12 0.17 2.28
C VAL A 198 -5.03 1.47 1.49
N SER A 199 -4.04 1.55 0.59
CA SER A 199 -3.67 2.80 -0.04
C SER A 199 -4.49 3.13 -1.29
N SER A 200 -5.20 2.15 -1.84
CA SER A 200 -6.00 2.38 -3.04
C SER A 200 -7.00 1.27 -3.30
N GLN A 201 -7.99 1.58 -4.14
CA GLN A 201 -8.93 0.56 -4.62
C GLN A 201 -8.22 -0.63 -5.25
N GLU A 202 -7.23 -0.38 -6.12
CA GLU A 202 -6.57 -1.50 -6.80
C GLU A 202 -5.84 -2.39 -5.80
N THR A 203 -5.15 -1.75 -4.85
CA THR A 203 -4.45 -2.49 -3.81
C THR A 203 -5.42 -3.35 -3.00
N ALA A 204 -6.58 -2.79 -2.67
CA ALA A 204 -7.61 -3.49 -1.91
C ALA A 204 -7.98 -4.81 -2.59
N GLY A 205 -8.22 -4.76 -3.90
CA GLY A 205 -8.54 -5.96 -4.66
C GLY A 205 -7.43 -7.00 -4.66
N ILE A 206 -6.21 -6.55 -4.91
CA ILE A 206 -5.07 -7.47 -4.96
C ILE A 206 -4.81 -8.10 -3.61
N GLY A 207 -4.70 -7.26 -2.58
CA GLY A 207 -4.43 -7.76 -1.24
C GLY A 207 -5.53 -8.69 -0.72
N ALA A 208 -6.78 -8.33 -0.97
CA ALA A 208 -7.89 -9.17 -0.51
C ALA A 208 -7.82 -10.54 -1.17
N SER A 209 -7.47 -10.56 -2.45
CA SER A 209 -7.41 -11.82 -3.17
C SER A 209 -6.30 -12.70 -2.61
N ALA A 210 -5.19 -12.06 -2.22
CA ALA A 210 -4.06 -12.78 -1.63
C ALA A 210 -4.42 -13.43 -0.30
N HIS A 211 -5.15 -12.71 0.54
CA HIS A 211 -5.64 -13.27 1.81
C HIS A 211 -6.52 -14.50 1.56
N LEU A 212 -7.37 -14.42 0.54
CA LEU A 212 -8.31 -15.49 0.22
C LEU A 212 -7.62 -16.76 -0.28
N VAL A 213 -6.32 -16.70 -0.55
CA VAL A 213 -5.57 -17.91 -0.84
C VAL A 213 -5.63 -18.83 0.39
N ASN A 214 -5.67 -18.23 1.57
CA ASN A 214 -5.60 -18.96 2.84
C ASN A 214 -6.92 -19.04 3.62
N PHE A 215 -7.76 -18.02 3.48
CA PHE A 215 -8.97 -17.93 4.29
C PHE A 215 -10.20 -17.68 3.44
N LYS A 216 -11.37 -17.68 4.07
CA LYS A 216 -12.61 -17.47 3.34
C LYS A 216 -13.44 -16.27 3.82
N ARG A 217 -12.95 -15.52 4.80
CA ARG A 217 -13.74 -14.41 5.34
C ARG A 217 -13.14 -13.07 4.92
N THR A 218 -13.96 -12.22 4.33
CA THR A 218 -13.49 -10.90 3.90
C THR A 218 -14.63 -9.89 3.80
N ASP A 219 -14.34 -8.66 4.22
CA ASP A 219 -15.19 -7.52 3.90
C ASP A 219 -14.63 -6.70 2.75
N THR A 220 -13.47 -7.08 2.24
CA THR A 220 -12.87 -6.29 1.18
C THR A 220 -13.39 -6.86 -0.14
N VAL A 221 -14.60 -6.42 -0.50
CA VAL A 221 -15.36 -6.97 -1.63
C VAL A 221 -14.59 -6.94 -2.95
N ALA A 222 -13.69 -5.97 -3.09
CA ALA A 222 -12.89 -5.82 -4.31
C ALA A 222 -12.15 -7.11 -4.69
N GLY A 223 -11.79 -7.92 -3.70
CA GLY A 223 -11.06 -9.17 -3.96
C GLY A 223 -11.84 -10.19 -4.80
N LEU A 224 -13.15 -10.25 -4.59
CA LEU A 224 -14.00 -11.20 -5.33
C LEU A 224 -13.95 -10.98 -6.84
N ALA A 225 -14.11 -9.74 -7.26
CA ALA A 225 -14.16 -9.45 -8.69
C ALA A 225 -12.82 -9.75 -9.37
N LEU A 226 -11.72 -9.41 -8.71
CA LEU A 226 -10.39 -9.70 -9.24
C LEU A 226 -10.24 -11.20 -9.48
N ILE A 227 -10.62 -11.99 -8.47
CA ILE A 227 -10.46 -13.43 -8.56
C ILE A 227 -11.32 -13.99 -9.69
N LYS A 228 -12.56 -13.52 -9.77
CA LYS A 228 -13.46 -13.96 -10.83
C LYS A 228 -12.91 -13.62 -12.21
N LYS A 229 -12.33 -12.44 -12.33
CA LYS A 229 -11.85 -12.01 -13.65
C LYS A 229 -10.53 -12.66 -14.08
N TYR A 230 -9.60 -12.79 -13.15
CA TYR A 230 -8.24 -13.22 -13.49
C TYR A 230 -7.89 -14.67 -13.14
N TYR A 231 -8.63 -15.27 -12.22
CA TYR A 231 -8.28 -16.62 -11.75
C TYR A 231 -9.41 -17.64 -11.88
N GLY A 232 -10.55 -17.34 -11.27
CA GLY A 232 -11.70 -18.21 -11.36
C GLY A 232 -11.80 -19.26 -10.27
N THR A 233 -13.01 -19.47 -9.75
CA THR A 233 -13.29 -20.55 -8.80
C THR A 233 -14.49 -21.39 -9.25
N LYS A 234 -14.51 -22.66 -8.85
CA LYS A 234 -15.68 -23.52 -9.04
C LYS A 234 -16.90 -22.95 -8.31
N ASP A 235 -16.68 -22.48 -7.09
CA ASP A 235 -17.74 -21.88 -6.28
C ASP A 235 -18.13 -20.52 -6.85
N PRO A 236 -19.37 -20.07 -6.59
CA PRO A 236 -19.80 -18.75 -7.06
C PRO A 236 -18.82 -17.66 -6.60
N VAL A 237 -18.45 -17.66 -5.33
CA VAL A 237 -17.50 -16.68 -4.81
C VAL A 237 -16.40 -17.34 -3.96
N PRO A 238 -15.22 -16.71 -3.91
CA PRO A 238 -14.09 -17.24 -3.12
C PRO A 238 -14.13 -16.83 -1.64
N GLY A 239 -14.94 -15.84 -1.31
CA GLY A 239 -14.93 -15.26 0.04
C GLY A 239 -16.30 -14.82 0.49
N TYR A 240 -16.49 -14.78 1.81
CA TYR A 240 -17.80 -14.55 2.40
C TYR A 240 -17.75 -13.55 3.54
N SER A 241 -18.89 -12.96 3.87
CA SER A 241 -18.97 -12.16 5.08
C SER A 241 -20.26 -12.47 5.83
N VAL A 242 -20.44 -11.84 6.99
CA VAL A 242 -21.71 -11.96 7.73
C VAL A 242 -22.15 -10.59 8.21
N PRO A 243 -23.46 -10.43 8.46
CA PRO A 243 -23.96 -9.14 8.95
C PRO A 243 -23.18 -8.73 10.20
N ALA A 244 -22.90 -7.44 10.31
CA ALA A 244 -22.17 -6.92 11.46
C ALA A 244 -22.48 -5.45 11.64
N ALA A 245 -22.45 -5.00 12.90
CA ALA A 245 -22.63 -3.58 13.16
C ALA A 245 -21.29 -2.85 13.08
N GLU A 246 -21.34 -1.55 12.86
CA GLU A 246 -20.20 -0.68 13.11
C GLU A 246 -20.61 0.29 14.23
N HIS A 247 -19.67 1.08 14.74
CA HIS A 247 -20.05 2.01 15.81
C HIS A 247 -21.21 2.94 15.46
N SER A 248 -21.25 3.43 14.22
CA SER A 248 -22.33 4.34 13.82
C SER A 248 -23.73 3.75 13.99
N THR A 249 -23.90 2.45 13.72
CA THR A 249 -25.22 1.83 13.85
C THR A 249 -25.61 1.55 15.29
N ILE A 250 -24.65 1.64 16.21
CA ILE A 250 -24.91 1.57 17.63
C ILE A 250 -25.09 2.99 18.18
N THR A 251 -24.11 3.86 17.94
CA THR A 251 -24.14 5.18 18.54
C THR A 251 -25.28 6.08 18.05
N ALA A 252 -25.77 5.83 16.83
CA ALA A 252 -26.89 6.61 16.28
C ALA A 252 -28.16 6.53 17.13
N TRP A 253 -28.26 5.49 17.95
CA TRP A 253 -29.42 5.33 18.82
C TRP A 253 -29.36 6.28 20.00
N GLY A 254 -28.19 6.86 20.22
CA GLY A 254 -27.97 7.73 21.36
C GLY A 254 -27.30 6.99 22.50
N LYS A 255 -26.55 7.72 23.30
CA LYS A 255 -25.76 7.16 24.38
C LYS A 255 -26.58 6.31 25.38
N ASP A 256 -27.81 6.71 25.67
CA ASP A 256 -28.63 5.98 26.65
C ASP A 256 -29.40 4.82 26.05
N HIS A 257 -29.22 4.56 24.76
CA HIS A 257 -29.98 3.50 24.11
C HIS A 257 -29.12 2.42 23.42
N GLU A 258 -27.93 2.19 23.95
CA GLU A 258 -27.09 1.11 23.42
C GLU A 258 -27.81 -0.22 23.45
N LYS A 259 -28.56 -0.47 24.53
CA LYS A 259 -29.29 -1.74 24.65
C LYS A 259 -30.34 -1.86 23.56
N ASP A 260 -31.06 -0.78 23.31
CA ASP A 260 -32.04 -0.78 22.23
C ASP A 260 -31.39 -1.06 20.88
N ALA A 261 -30.19 -0.53 20.66
CA ALA A 261 -29.48 -0.77 19.42
C ALA A 261 -29.15 -2.26 19.30
N PHE A 262 -28.55 -2.82 20.35
CA PHE A 262 -28.21 -4.26 20.39
C PHE A 262 -29.43 -5.12 20.09
N GLU A 263 -30.53 -4.83 20.78
CA GLU A 263 -31.76 -5.60 20.61
C GLU A 263 -32.29 -5.53 19.18
N HIS A 264 -32.38 -4.33 18.64
CA HIS A 264 -32.84 -4.13 17.27
C HIS A 264 -32.01 -4.96 16.28
N ILE A 265 -30.69 -4.87 16.42
CA ILE A 265 -29.77 -5.54 15.50
C ILE A 265 -29.82 -7.07 15.60
N VAL A 266 -29.83 -7.62 16.80
CA VAL A 266 -29.83 -9.09 16.89
C VAL A 266 -31.17 -9.66 16.45
N THR A 267 -32.21 -8.85 16.56
CA THR A 267 -33.54 -9.29 16.15
C THR A 267 -33.69 -9.20 14.64
N GLN A 268 -33.10 -8.16 14.05
CA GLN A 268 -33.04 -8.03 12.59
C GLN A 268 -32.30 -9.20 11.98
N PHE A 269 -31.20 -9.60 12.60
CA PHE A 269 -30.41 -10.69 12.09
C PHE A 269 -30.48 -11.88 13.05
N SER A 270 -31.70 -12.41 13.23
CA SER A 270 -31.96 -13.44 14.22
C SER A 270 -31.60 -14.86 13.75
N SER A 271 -31.42 -15.05 12.45
CA SER A 271 -31.26 -16.38 11.90
C SER A 271 -29.94 -16.60 11.17
N VAL A 272 -29.10 -15.58 11.18
CA VAL A 272 -27.74 -15.68 10.62
C VAL A 272 -26.74 -15.23 11.68
N PRO A 273 -25.45 -15.58 11.51
CA PRO A 273 -24.48 -15.04 12.46
C PRO A 273 -24.48 -13.52 12.39
N VAL A 274 -24.31 -12.85 13.53
CA VAL A 274 -24.20 -11.42 13.53
C VAL A 274 -23.12 -10.97 14.50
N SER A 275 -22.25 -10.08 14.04
CA SER A 275 -21.22 -9.50 14.88
C SER A 275 -21.70 -8.14 15.37
N VAL A 276 -21.57 -7.89 16.67
CA VAL A 276 -21.98 -6.60 17.21
C VAL A 276 -20.87 -5.94 18.02
N VAL A 277 -20.38 -4.79 17.52
CA VAL A 277 -19.35 -4.04 18.20
C VAL A 277 -19.91 -3.53 19.54
N SER A 278 -19.18 -3.77 20.63
CA SER A 278 -19.77 -3.67 21.95
C SER A 278 -19.01 -2.74 22.88
N ASP A 279 -18.06 -1.99 22.33
CA ASP A 279 -17.19 -1.14 23.13
C ASP A 279 -17.42 0.36 22.93
N SER A 280 -18.55 0.73 22.33
CA SER A 280 -18.85 2.14 22.07
C SER A 280 -18.65 3.03 23.31
N TYR A 281 -19.04 2.51 24.48
CA TYR A 281 -18.94 3.27 25.71
C TYR A 281 -18.21 2.51 26.81
N ASP A 282 -18.57 1.24 26.99
CA ASP A 282 -17.97 0.43 28.05
C ASP A 282 -18.18 -1.03 27.70
N ILE A 283 -17.15 -1.62 27.09
CA ILE A 283 -17.18 -3.02 26.66
C ILE A 283 -17.50 -3.99 27.80
N TYR A 284 -17.02 -3.69 29.00
CA TYR A 284 -17.19 -4.63 30.10
C TYR A 284 -18.62 -4.59 30.64
N ASN A 285 -19.19 -3.39 30.71
CA ASN A 285 -20.61 -3.23 31.03
C ASN A 285 -21.49 -3.93 29.99
N ALA A 286 -21.18 -3.73 28.72
CA ALA A 286 -21.95 -4.33 27.63
C ALA A 286 -22.01 -5.85 27.73
N CYS A 287 -20.88 -6.47 28.04
CA CYS A 287 -20.83 -7.92 28.10
C CYS A 287 -21.53 -8.42 29.37
N GLU A 288 -21.22 -7.80 30.49
CA GLU A 288 -21.73 -8.31 31.74
C GLU A 288 -23.19 -7.98 31.97
N LYS A 289 -23.59 -6.75 31.66
CA LYS A 289 -24.95 -6.32 31.99
C LYS A 289 -25.91 -6.28 30.82
N ILE A 290 -25.45 -5.81 29.67
CA ILE A 290 -26.36 -5.71 28.53
C ILE A 290 -26.57 -7.08 27.88
N TRP A 291 -25.51 -7.68 27.36
CA TRP A 291 -25.61 -9.02 26.79
C TRP A 291 -25.86 -10.01 27.92
N GLY A 292 -25.14 -9.86 29.03
CA GLY A 292 -25.11 -10.87 30.07
C GLY A 292 -26.32 -10.95 30.98
N GLU A 293 -27.15 -9.90 31.00
CA GLU A 293 -28.36 -9.87 31.81
C GLU A 293 -29.55 -9.35 31.03
N ASP A 294 -29.53 -8.07 30.65
CA ASP A 294 -30.67 -7.43 29.98
C ASP A 294 -31.17 -8.18 28.74
N LEU A 295 -30.24 -8.56 27.86
CA LEU A 295 -30.59 -9.16 26.57
C LEU A 295 -30.20 -10.65 26.48
N ARG A 296 -29.81 -11.22 27.61
CA ARG A 296 -29.39 -12.63 27.66
C ARG A 296 -30.42 -13.56 27.03
N HIS A 297 -31.69 -13.25 27.19
CA HIS A 297 -32.75 -14.09 26.65
C HIS A 297 -32.76 -14.14 25.13
N LEU A 298 -32.26 -13.09 24.49
CA LEU A 298 -32.17 -13.04 23.03
C LEU A 298 -30.95 -13.79 22.49
N ILE A 299 -29.99 -14.08 23.37
CA ILE A 299 -28.74 -14.70 22.97
C ILE A 299 -28.85 -16.21 23.09
N VAL A 300 -29.34 -16.68 24.23
CA VAL A 300 -29.36 -18.11 24.53
C VAL A 300 -30.32 -18.91 23.64
N SER A 301 -31.25 -18.21 22.99
CA SER A 301 -32.23 -18.84 22.11
C SER A 301 -31.72 -19.00 20.68
N ARG A 302 -30.54 -18.47 20.39
CA ARG A 302 -30.04 -18.48 19.01
C ARG A 302 -29.47 -19.82 18.55
N SER A 303 -29.58 -20.07 17.25
CA SER A 303 -29.05 -21.28 16.64
C SER A 303 -27.53 -21.33 16.69
N THR A 304 -26.98 -22.54 16.64
CA THR A 304 -25.55 -22.77 16.52
C THR A 304 -25.02 -22.25 15.19
N GLN A 305 -25.89 -22.21 14.18
CA GLN A 305 -25.51 -21.70 12.86
C GLN A 305 -25.70 -20.18 12.77
N ALA A 306 -26.21 -19.58 13.85
CA ALA A 306 -26.44 -18.14 13.90
C ALA A 306 -26.02 -17.52 15.24
N PRO A 307 -24.76 -17.68 15.63
CA PRO A 307 -24.36 -17.11 16.93
C PRO A 307 -24.30 -15.59 16.95
N LEU A 308 -24.42 -15.02 18.15
CA LEU A 308 -23.99 -13.66 18.39
C LEU A 308 -22.47 -13.65 18.51
N ILE A 309 -21.82 -12.75 17.76
CA ILE A 309 -20.37 -12.63 17.83
C ILE A 309 -20.05 -11.28 18.44
N ILE A 310 -19.68 -11.27 19.71
CA ILE A 310 -19.35 -10.03 20.41
C ILE A 310 -18.01 -9.48 19.96
N ARG A 311 -17.99 -8.19 19.62
CA ARG A 311 -16.77 -7.57 19.12
C ARG A 311 -16.26 -6.43 19.99
N PRO A 312 -15.23 -6.71 20.79
CA PRO A 312 -14.47 -5.63 21.42
C PRO A 312 -13.66 -4.93 20.32
N ASP A 313 -13.28 -3.67 20.54
CA ASP A 313 -12.56 -2.94 19.50
C ASP A 313 -11.58 -1.92 20.07
N SER A 314 -11.22 -2.06 21.34
CA SER A 314 -10.34 -1.11 21.99
C SER A 314 -9.70 -1.66 23.26
N GLY A 315 -8.68 -0.96 23.75
CA GLY A 315 -7.91 -1.44 24.88
C GLY A 315 -6.80 -2.37 24.45
N ASN A 316 -5.98 -2.79 25.41
CA ASN A 316 -4.97 -3.81 25.13
C ASN A 316 -5.64 -5.07 24.60
N PRO A 317 -5.29 -5.52 23.38
CA PRO A 317 -5.99 -6.62 22.72
C PRO A 317 -5.99 -7.93 23.51
N LEU A 318 -4.87 -8.31 24.08
CA LEU A 318 -4.81 -9.52 24.89
C LEU A 318 -5.62 -9.37 26.18
N ASP A 319 -5.37 -8.28 26.91
CA ASP A 319 -6.03 -8.06 28.19
C ASP A 319 -7.54 -8.01 28.01
N THR A 320 -7.97 -7.35 26.94
CA THR A 320 -9.39 -7.13 26.70
C THR A 320 -10.08 -8.43 26.31
N VAL A 321 -9.44 -9.20 25.42
CA VAL A 321 -9.99 -10.50 25.03
C VAL A 321 -10.18 -11.40 26.26
N LEU A 322 -9.15 -11.46 27.10
CA LEU A 322 -9.21 -12.29 28.32
C LEU A 322 -10.31 -11.85 29.29
N LYS A 323 -10.48 -10.54 29.44
CA LYS A 323 -11.49 -10.02 30.36
C LYS A 323 -12.90 -10.24 29.80
N VAL A 324 -13.04 -10.09 28.48
CA VAL A 324 -14.33 -10.35 27.83
C VAL A 324 -14.73 -11.81 28.03
N LEU A 325 -13.80 -12.73 27.79
CA LEU A 325 -14.05 -14.16 28.01
C LEU A 325 -14.37 -14.46 29.48
N GLU A 326 -13.62 -13.86 30.40
CA GLU A 326 -13.87 -14.04 31.83
C GLU A 326 -15.28 -13.59 32.20
N ILE A 327 -15.68 -12.43 31.69
CA ILE A 327 -17.03 -11.93 31.95
C ILE A 327 -18.10 -12.85 31.37
N LEU A 328 -17.96 -13.19 30.08
CA LEU A 328 -18.94 -14.01 29.42
C LEU A 328 -19.02 -15.39 30.05
N GLY A 329 -17.87 -15.90 30.50
CA GLY A 329 -17.81 -17.23 31.09
C GLY A 329 -18.58 -17.33 32.38
N LYS A 330 -18.82 -16.19 33.02
CA LYS A 330 -19.54 -16.16 34.28
C LYS A 330 -21.01 -15.80 34.10
N LYS A 331 -21.37 -15.34 32.91
CA LYS A 331 -22.77 -15.05 32.61
C LYS A 331 -23.45 -16.10 31.75
N PHE A 332 -22.64 -16.95 31.11
CA PHE A 332 -23.15 -17.94 30.16
C PHE A 332 -22.63 -19.33 30.53
N PRO A 333 -23.35 -20.39 30.11
CA PRO A 333 -22.94 -21.75 30.51
C PRO A 333 -21.72 -22.29 29.75
N VAL A 334 -20.57 -22.27 30.40
CA VAL A 334 -19.32 -22.71 29.79
C VAL A 334 -19.08 -24.21 29.98
N THR A 335 -18.60 -24.88 28.93
CA THR A 335 -18.23 -26.28 29.04
C THR A 335 -16.72 -26.41 29.03
N GLU A 336 -16.24 -27.60 29.38
CA GLU A 336 -14.82 -27.89 29.23
C GLU A 336 -14.72 -28.98 28.18
N ASN A 337 -13.96 -28.72 27.12
CA ASN A 337 -13.87 -29.65 26.01
C ASN A 337 -12.93 -30.81 26.31
N SER A 338 -12.75 -31.70 25.35
CA SER A 338 -12.02 -32.95 25.61
C SER A 338 -10.55 -32.70 25.91
N LYS A 339 -10.05 -31.54 25.48
CA LYS A 339 -8.64 -31.17 25.71
C LYS A 339 -8.44 -30.46 27.05
N GLY A 340 -9.53 -30.17 27.75
CA GLY A 340 -9.47 -29.47 29.02
C GLY A 340 -9.64 -27.96 28.95
N TYR A 341 -9.98 -27.44 27.77
CA TYR A 341 -10.14 -26.00 27.58
C TYR A 341 -11.59 -25.53 27.63
N LYS A 342 -11.79 -24.32 28.16
CA LYS A 342 -13.11 -23.74 28.31
C LYS A 342 -13.72 -23.33 26.99
N LEU A 343 -15.02 -23.56 26.87
CA LEU A 343 -15.73 -23.32 25.62
C LEU A 343 -17.07 -22.65 25.91
N LEU A 344 -17.30 -21.50 25.28
CA LEU A 344 -18.55 -20.79 25.39
C LEU A 344 -19.63 -21.58 24.66
N PRO A 345 -20.91 -21.34 25.01
CA PRO A 345 -21.99 -22.02 24.30
C PRO A 345 -21.96 -21.69 22.80
N PRO A 346 -22.50 -22.58 21.96
CA PRO A 346 -22.36 -22.44 20.49
C PRO A 346 -23.06 -21.21 19.93
N TYR A 347 -23.94 -20.59 20.70
CA TYR A 347 -24.68 -19.44 20.20
C TYR A 347 -23.91 -18.13 20.49
N LEU A 348 -22.72 -18.25 21.08
CA LEU A 348 -21.96 -17.09 21.53
C LEU A 348 -20.46 -17.21 21.24
N ARG A 349 -19.94 -16.23 20.52
CA ARG A 349 -18.54 -16.21 20.13
C ARG A 349 -18.01 -14.78 20.22
N VAL A 350 -16.70 -14.63 20.07
CA VAL A 350 -16.04 -13.34 20.18
C VAL A 350 -15.15 -13.12 18.94
N ILE A 351 -15.09 -11.88 18.45
CA ILE A 351 -14.11 -11.55 17.41
C ILE A 351 -13.28 -10.35 17.84
N GLN A 352 -11.96 -10.51 17.82
CA GLN A 352 -11.06 -9.42 18.15
C GLN A 352 -10.61 -8.83 16.83
N GLY A 353 -11.05 -7.61 16.56
CA GLY A 353 -10.75 -7.00 15.28
C GLY A 353 -10.01 -5.68 15.35
N ASP A 354 -9.33 -5.44 16.46
CA ASP A 354 -8.57 -4.21 16.66
C ASP A 354 -7.09 -4.53 16.97
N GLY A 355 -6.18 -3.82 16.32
CA GLY A 355 -4.75 -3.97 16.59
C GLY A 355 -4.19 -5.36 16.34
N VAL A 356 -4.83 -6.09 15.42
CA VAL A 356 -4.36 -7.43 15.11
C VAL A 356 -3.34 -7.45 13.97
N ASP A 357 -2.16 -7.98 14.26
CA ASP A 357 -1.17 -8.35 13.25
C ASP A 357 -0.59 -9.71 13.65
N ILE A 358 0.38 -10.21 12.90
CA ILE A 358 0.89 -11.55 13.17
C ILE A 358 1.43 -11.69 14.60
N ASN A 359 2.06 -10.64 15.11
CA ASN A 359 2.61 -10.68 16.46
C ASN A 359 1.54 -10.65 17.54
N THR A 360 0.58 -9.74 17.43
CA THR A 360 -0.48 -9.70 18.45
C THR A 360 -1.42 -10.90 18.35
N LEU A 361 -1.60 -11.44 17.16
CA LEU A 361 -2.37 -12.67 17.01
C LEU A 361 -1.73 -13.79 17.84
N GLN A 362 -0.42 -13.93 17.69
CA GLN A 362 0.33 -14.93 18.46
C GLN A 362 0.18 -14.71 19.97
N GLU A 363 0.26 -13.45 20.39
CA GLU A 363 0.19 -13.14 21.81
C GLU A 363 -1.18 -13.45 22.40
N ILE A 364 -2.22 -13.15 21.62
CA ILE A 364 -3.58 -13.42 22.04
C ILE A 364 -3.85 -14.93 22.19
N VAL A 365 -3.54 -15.73 21.17
CA VAL A 365 -3.84 -17.16 21.27
C VAL A 365 -2.99 -17.82 22.37
N GLU A 366 -1.75 -17.37 22.54
CA GLU A 366 -0.91 -17.92 23.59
C GLU A 366 -1.45 -17.56 24.99
N GLY A 367 -1.93 -16.33 25.12
CA GLY A 367 -2.51 -15.85 26.37
C GLY A 367 -3.78 -16.60 26.69
N MET A 368 -4.60 -16.83 25.66
CA MET A 368 -5.80 -17.64 25.80
C MET A 368 -5.48 -19.07 26.26
N LYS A 369 -4.52 -19.70 25.59
CA LYS A 369 -4.12 -21.04 26.00
C LYS A 369 -3.66 -21.08 27.47
N GLN A 370 -2.92 -20.05 27.89
CA GLN A 370 -2.43 -19.98 29.28
C GLN A 370 -3.59 -19.93 30.26
N LYS A 371 -4.63 -19.21 29.89
CA LYS A 371 -5.80 -19.07 30.75
C LYS A 371 -6.84 -20.16 30.49
N MET A 372 -6.44 -21.18 29.73
CA MET A 372 -7.29 -22.36 29.48
C MET A 372 -8.57 -22.08 28.67
N TRP A 373 -8.51 -21.11 27.77
CA TRP A 373 -9.62 -20.85 26.86
C TRP A 373 -9.33 -21.46 25.49
N SER A 374 -10.30 -22.20 24.96
CA SER A 374 -10.11 -22.78 23.61
C SER A 374 -10.07 -21.70 22.54
N ILE A 375 -9.27 -21.92 21.50
CA ILE A 375 -9.22 -21.00 20.35
C ILE A 375 -10.53 -21.09 19.54
N GLU A 376 -11.31 -22.13 19.78
CA GLU A 376 -12.66 -22.24 19.23
C GLU A 376 -13.52 -21.01 19.51
N ASN A 377 -13.27 -20.34 20.64
CA ASN A 377 -14.09 -19.23 21.10
C ASN A 377 -13.92 -17.95 20.30
N ILE A 378 -12.81 -17.85 19.59
CA ILE A 378 -12.39 -16.57 19.06
C ILE A 378 -12.13 -16.61 17.58
N ALA A 379 -12.35 -15.46 16.94
CA ALA A 379 -11.92 -15.22 15.57
C ALA A 379 -11.24 -13.87 15.56
N PHE A 380 -10.52 -13.59 14.48
CA PHE A 380 -9.80 -12.34 14.40
C PHE A 380 -10.18 -11.60 13.15
N GLY A 381 -10.26 -10.28 13.27
CA GLY A 381 -10.29 -9.39 12.12
C GLY A 381 -9.00 -8.60 12.05
N SER A 382 -8.43 -8.49 10.86
CA SER A 382 -7.19 -7.73 10.69
C SER A 382 -7.33 -6.89 9.43
N GLY A 383 -6.95 -5.63 9.55
CA GLY A 383 -7.09 -4.68 8.45
C GLY A 383 -5.73 -4.22 7.96
N GLY A 384 -5.27 -3.11 8.52
CA GLY A 384 -3.96 -2.58 8.20
C GLY A 384 -2.87 -3.63 8.42
N GLY A 385 -2.99 -4.37 9.52
CA GLY A 385 -2.03 -5.43 9.81
C GLY A 385 -1.93 -6.49 8.72
N LEU A 386 -3.05 -6.74 8.06
CA LEU A 386 -3.13 -7.81 7.07
C LEU A 386 -2.74 -7.34 5.65
N LEU A 387 -3.13 -6.13 5.28
CA LEU A 387 -3.02 -5.68 3.89
C LEU A 387 -2.12 -4.47 3.63
N GLN A 388 -1.76 -3.74 4.69
CA GLN A 388 -1.04 -2.48 4.49
C GLN A 388 0.33 -2.43 5.15
N LYS A 389 0.44 -2.96 6.37
CA LYS A 389 1.69 -2.86 7.13
C LYS A 389 2.66 -3.96 6.70
N LEU A 390 3.05 -3.91 5.43
CA LEU A 390 3.97 -4.87 4.84
C LEU A 390 4.75 -4.10 3.80
N THR A 391 6.02 -4.44 3.63
CA THR A 391 6.84 -3.80 2.62
C THR A 391 7.59 -4.87 1.84
N ARG A 392 8.27 -4.41 0.80
CA ARG A 392 9.01 -5.29 -0.08
C ARG A 392 10.23 -5.88 0.63
N ASP A 393 10.71 -5.25 1.70
CA ASP A 393 11.89 -5.83 2.36
C ASP A 393 11.54 -6.89 3.41
N LEU A 394 10.25 -7.11 3.67
CA LEU A 394 9.85 -8.16 4.61
C LEU A 394 10.37 -9.53 4.14
N LEU A 395 10.19 -9.81 2.85
CA LEU A 395 10.72 -11.06 2.27
C LEU A 395 11.88 -10.82 1.30
N ASN A 396 12.41 -9.59 1.30
CA ASN A 396 13.44 -9.18 0.34
C ASN A 396 13.12 -9.57 -1.10
N CYS A 397 11.91 -9.23 -1.54
CA CYS A 397 11.48 -9.50 -2.91
C CYS A 397 12.34 -8.64 -3.85
N SER A 398 12.99 -9.29 -4.81
CA SER A 398 14.02 -8.62 -5.57
C SER A 398 14.19 -9.19 -6.98
N PHE A 399 14.49 -8.33 -7.94
CA PHE A 399 14.58 -8.66 -9.36
C PHE A 399 15.98 -8.23 -9.81
N LYS A 400 16.74 -9.17 -10.35
CA LYS A 400 18.13 -8.92 -10.72
C LYS A 400 18.48 -9.58 -12.05
N CYS A 401 19.38 -8.95 -12.80
CA CYS A 401 19.89 -9.51 -14.04
C CYS A 401 20.99 -10.49 -13.68
N SER A 402 20.90 -11.71 -14.23
CA SER A 402 21.88 -12.74 -13.90
C SER A 402 22.65 -13.26 -15.13
N TYR A 403 22.21 -12.87 -16.33
CA TYR A 403 22.78 -13.42 -17.55
C TYR A 403 22.56 -12.47 -18.71
N VAL A 404 23.63 -12.20 -19.44
CA VAL A 404 23.52 -11.43 -20.69
C VAL A 404 24.30 -12.14 -21.79
N VAL A 405 23.94 -11.84 -23.03
CA VAL A 405 24.74 -12.30 -24.16
C VAL A 405 25.25 -11.05 -24.88
N THR A 406 26.57 -10.93 -24.96
CA THR A 406 27.18 -9.78 -25.59
C THR A 406 28.18 -10.31 -26.61
N ASN A 407 28.13 -9.77 -27.84
CA ASN A 407 28.98 -10.25 -28.93
C ASN A 407 28.90 -11.77 -29.11
N GLY A 408 27.70 -12.32 -28.91
CA GLY A 408 27.49 -13.75 -29.11
C GLY A 408 27.94 -14.65 -27.98
N LEU A 409 28.49 -14.06 -26.93
CA LEU A 409 28.98 -14.83 -25.78
C LEU A 409 28.10 -14.60 -24.54
N GLY A 410 27.65 -15.68 -23.92
CA GLY A 410 26.90 -15.58 -22.67
C GLY A 410 27.84 -15.27 -21.53
N ILE A 411 27.44 -14.36 -20.64
CA ILE A 411 28.24 -14.09 -19.44
C ILE A 411 27.33 -14.07 -18.22
N ASN A 412 27.79 -14.71 -17.15
CA ASN A 412 27.02 -14.82 -15.92
C ASN A 412 27.30 -13.59 -15.09
N VAL A 413 26.28 -12.78 -14.82
CA VAL A 413 26.49 -11.54 -14.13
C VAL A 413 25.73 -11.50 -12.80
N PHE A 414 26.11 -10.55 -11.95
CA PHE A 414 25.62 -10.53 -10.57
C PHE A 414 26.16 -9.29 -9.86
N LYS A 415 25.53 -8.95 -8.74
CA LYS A 415 26.08 -7.94 -7.84
C LYS A 415 26.56 -8.63 -6.57
N ASP A 416 27.48 -8.02 -5.85
CA ASP A 416 28.00 -8.60 -4.61
C ASP A 416 28.64 -7.51 -3.74
N PRO A 417 27.81 -6.62 -3.17
CA PRO A 417 28.33 -5.45 -2.45
C PRO A 417 29.18 -5.85 -1.26
N VAL A 418 30.38 -5.27 -1.18
CA VAL A 418 31.36 -5.65 -0.15
C VAL A 418 30.81 -5.52 1.28
N ALA A 419 29.96 -4.53 1.52
CA ALA A 419 29.47 -4.27 2.87
C ALA A 419 28.17 -5.01 3.20
N ASP A 420 27.59 -5.69 2.23
CA ASP A 420 26.36 -6.43 2.51
C ASP A 420 26.23 -7.71 1.67
N PRO A 421 26.82 -8.82 2.17
CA PRO A 421 26.74 -10.14 1.53
C PRO A 421 25.30 -10.61 1.31
N ASN A 422 24.36 -10.16 2.13
CA ASN A 422 22.95 -10.48 1.96
C ASN A 422 22.35 -9.97 0.66
N LYS A 423 23.04 -9.02 0.01
CA LYS A 423 22.55 -8.46 -1.25
C LYS A 423 23.20 -9.07 -2.49
N ARG A 424 24.08 -10.05 -2.28
CA ARG A 424 24.67 -10.77 -3.40
C ARG A 424 23.55 -11.42 -4.23
N SER A 425 23.69 -11.40 -5.56
CA SER A 425 22.65 -11.96 -6.41
C SER A 425 23.15 -13.21 -7.12
N LYS A 426 22.23 -13.96 -7.72
CA LYS A 426 22.59 -15.24 -8.36
C LYS A 426 23.26 -15.04 -9.71
N LYS A 427 24.04 -16.02 -10.13
CA LYS A 427 24.80 -15.95 -11.39
C LYS A 427 24.22 -16.84 -12.47
N GLY A 428 24.11 -16.32 -13.68
CA GLY A 428 23.82 -17.14 -14.85
C GLY A 428 22.36 -17.52 -15.05
N ARG A 429 22.15 -18.45 -15.97
CA ARG A 429 20.80 -18.95 -16.23
C ARG A 429 20.39 -19.87 -15.08
N LEU A 430 19.14 -19.71 -14.65
CA LEU A 430 18.66 -20.33 -13.43
C LEU A 430 17.57 -21.36 -13.72
N SER A 431 17.42 -22.33 -12.82
CA SER A 431 16.28 -23.25 -12.88
C SER A 431 15.97 -23.74 -11.47
N LEU A 432 14.72 -24.11 -11.23
CA LEU A 432 14.27 -24.54 -9.90
C LEU A 432 14.00 -26.04 -9.91
N HIS A 433 14.52 -26.76 -8.92
CA HIS A 433 14.36 -28.22 -8.92
C HIS A 433 14.00 -28.76 -7.54
N ARG A 434 13.44 -29.97 -7.54
CA ARG A 434 13.26 -30.76 -6.33
C ARG A 434 14.59 -31.39 -6.00
N THR A 435 14.93 -31.43 -4.72
CA THR A 435 16.15 -32.09 -4.28
C THR A 435 15.80 -33.54 -4.01
N PRO A 436 16.82 -34.42 -3.84
CA PRO A 436 16.48 -35.81 -3.55
C PRO A 436 15.64 -35.97 -2.28
N ALA A 437 15.80 -35.08 -1.31
CA ALA A 437 15.03 -35.15 -0.07
C ALA A 437 13.66 -34.48 -0.18
N GLY A 438 13.34 -33.97 -1.37
CA GLY A 438 12.03 -33.38 -1.60
C GLY A 438 11.97 -31.88 -1.42
N ASN A 439 13.09 -31.26 -1.08
CA ASN A 439 13.14 -29.82 -0.88
C ASN A 439 13.34 -29.11 -2.22
N PHE A 440 13.68 -27.83 -2.17
CA PHE A 440 13.90 -27.06 -3.40
C PHE A 440 15.34 -26.59 -3.51
N VAL A 441 15.84 -26.53 -4.73
CA VAL A 441 17.15 -25.94 -4.96
C VAL A 441 17.13 -25.15 -6.25
N THR A 442 17.78 -23.99 -6.23
CA THR A 442 17.94 -23.19 -7.45
C THR A 442 19.34 -23.43 -8.00
N LEU A 443 19.40 -23.96 -9.22
CA LEU A 443 20.68 -24.17 -9.91
C LEU A 443 21.12 -22.94 -10.69
N GLU A 444 22.39 -22.56 -10.52
CA GLU A 444 22.93 -21.39 -11.19
C GLU A 444 23.82 -21.78 -12.36
N GLU A 445 24.22 -20.76 -13.13
CA GLU A 445 25.19 -20.90 -14.22
C GLU A 445 24.75 -21.92 -15.25
N GLY A 446 23.44 -22.05 -15.42
CA GLY A 446 22.89 -22.95 -16.42
C GLY A 446 23.05 -24.42 -16.08
N LYS A 447 23.45 -24.71 -14.84
CA LYS A 447 23.69 -26.09 -14.41
C LYS A 447 22.46 -27.01 -14.51
N GLY A 448 21.27 -26.43 -14.58
CA GLY A 448 20.07 -27.23 -14.78
C GLY A 448 20.14 -28.05 -16.06
N ASP A 449 20.94 -27.58 -17.01
CA ASP A 449 21.10 -28.26 -18.31
C ASP A 449 21.81 -29.60 -18.21
N LEU A 450 22.53 -29.82 -17.12
CA LEU A 450 23.24 -31.08 -16.91
C LEU A 450 22.24 -32.19 -16.59
N GLU A 451 21.01 -31.81 -16.26
CA GLU A 451 19.92 -32.76 -16.00
C GLU A 451 20.26 -33.76 -14.89
N GLU A 452 20.88 -33.26 -13.83
CA GLU A 452 21.20 -34.09 -12.68
C GLU A 452 20.11 -34.00 -11.63
N TYR A 453 19.18 -33.08 -11.81
CA TYR A 453 18.19 -32.74 -10.80
C TYR A 453 16.77 -32.79 -11.32
N GLY A 454 16.49 -33.62 -12.31
CA GLY A 454 15.13 -33.73 -12.81
C GLY A 454 14.59 -32.42 -13.39
N GLN A 455 13.28 -32.33 -13.52
CA GLN A 455 12.66 -31.28 -14.32
C GLN A 455 12.66 -29.90 -13.66
N ASP A 456 12.92 -28.87 -14.47
CA ASP A 456 12.79 -27.48 -14.04
C ASP A 456 11.34 -27.24 -13.63
N LEU A 457 11.15 -26.66 -12.46
CA LEU A 457 9.81 -26.38 -11.96
C LEU A 457 9.22 -25.07 -12.49
N LEU A 458 10.05 -24.25 -13.15
CA LEU A 458 9.57 -23.05 -13.81
C LEU A 458 8.88 -23.42 -15.12
N HIS A 459 7.69 -22.88 -15.36
CA HIS A 459 6.98 -23.10 -16.63
C HIS A 459 6.79 -21.77 -17.36
N THR A 460 6.81 -21.80 -18.69
CA THR A 460 6.51 -20.60 -19.46
C THR A 460 5.07 -20.14 -19.22
N VAL A 461 4.90 -18.95 -18.65
CA VAL A 461 3.57 -18.42 -18.41
C VAL A 461 3.24 -17.27 -19.34
N PHE A 462 4.28 -16.67 -19.95
CA PHE A 462 4.08 -15.55 -20.86
C PHE A 462 5.11 -15.63 -21.97
N LYS A 463 4.66 -15.45 -23.21
CA LYS A 463 5.59 -15.45 -24.34
C LYS A 463 5.02 -14.64 -25.47
N ASN A 464 5.79 -13.65 -25.89
CA ASN A 464 5.45 -12.79 -27.02
C ASN A 464 4.01 -12.25 -27.00
N GLY A 465 3.61 -11.68 -25.87
CA GLY A 465 2.30 -11.03 -25.77
C GLY A 465 1.16 -11.94 -25.35
N LYS A 466 1.43 -13.23 -25.19
CA LYS A 466 0.37 -14.19 -24.89
C LYS A 466 0.59 -14.83 -23.54
N VAL A 467 -0.48 -14.99 -22.76
CA VAL A 467 -0.40 -15.76 -21.52
C VAL A 467 -0.49 -17.24 -21.90
N THR A 468 0.55 -18.00 -21.59
CA THR A 468 0.68 -19.36 -22.15
C THR A 468 0.28 -20.45 -21.17
N LYS A 469 0.23 -20.10 -19.89
CA LYS A 469 -0.24 -21.04 -18.86
C LYS A 469 -0.94 -20.26 -17.76
N SER A 470 -2.11 -20.75 -17.36
CA SER A 470 -2.93 -20.09 -16.32
C SER A 470 -3.32 -21.09 -15.23
N TYR A 471 -3.59 -20.56 -14.03
CA TYR A 471 -4.02 -21.36 -12.89
C TYR A 471 -5.35 -20.84 -12.37
N SER A 472 -6.25 -21.74 -11.99
CA SER A 472 -7.48 -21.33 -11.33
C SER A 472 -7.19 -20.96 -9.89
N PHE A 473 -8.10 -20.26 -9.25
CA PHE A 473 -7.91 -19.91 -7.85
C PHE A 473 -8.01 -21.18 -6.98
N ASP A 474 -8.72 -22.18 -7.47
CA ASP A 474 -8.84 -23.45 -6.73
C ASP A 474 -7.52 -24.22 -6.71
N GLU A 475 -6.81 -24.24 -7.83
CA GLU A 475 -5.51 -24.89 -7.90
C GLU A 475 -4.51 -24.19 -6.98
N ILE A 476 -4.52 -22.87 -7.02
CA ILE A 476 -3.64 -22.06 -6.18
C ILE A 476 -3.85 -22.35 -4.69
N ARG A 477 -5.11 -22.40 -4.27
CA ARG A 477 -5.44 -22.74 -2.88
C ARG A 477 -4.93 -24.11 -2.51
N LYS A 478 -5.06 -25.07 -3.43
CA LYS A 478 -4.61 -26.43 -3.17
C LYS A 478 -3.11 -26.42 -2.97
N ASN A 479 -2.41 -25.61 -3.77
CA ASN A 479 -0.96 -25.56 -3.72
C ASN A 479 -0.47 -24.91 -2.44
N ALA A 480 -1.28 -24.01 -1.89
CA ALA A 480 -0.84 -23.21 -0.75
C ALA A 480 -1.23 -23.82 0.59
N GLN A 481 -1.80 -25.02 0.55
CA GLN A 481 -2.22 -25.69 1.80
C GLN A 481 -1.10 -25.85 2.83
N LEU A 482 -1.47 -25.79 4.10
CA LEU A 482 -0.53 -26.03 5.17
C LEU A 482 -0.24 -27.53 5.23
N ASN A 483 0.95 -27.89 5.69
CA ASN A 483 1.26 -29.30 5.93
C ASN A 483 0.27 -29.92 6.92
N ILE A 484 -0.05 -29.18 7.97
CA ILE A 484 -0.97 -29.66 9.01
C ILE A 484 -2.36 -29.95 8.46
N GLU A 485 -2.74 -29.21 7.41
CA GLU A 485 -4.00 -29.47 6.71
C GLU A 485 -3.88 -30.72 5.86
N LEU A 486 -2.70 -30.93 5.28
CA LEU A 486 -2.42 -32.12 4.49
C LEU A 486 -2.44 -33.37 5.37
N GLU A 487 -1.93 -33.24 6.58
CA GLU A 487 -1.90 -34.35 7.54
C GLU A 487 -3.24 -34.51 8.26
N GLU B 8 -15.20 -2.61 -15.10
CA GLU B 8 -15.60 -1.26 -14.73
C GLU B 8 -15.86 -1.14 -13.24
N PHE B 9 -15.50 0.01 -12.67
CA PHE B 9 -15.67 0.25 -11.25
C PHE B 9 -17.15 0.40 -10.90
N ASN B 10 -17.55 -0.30 -9.83
CA ASN B 10 -18.92 -0.31 -9.35
C ASN B 10 -18.98 0.09 -7.88
N ILE B 11 -19.50 1.29 -7.61
CA ILE B 11 -19.51 1.85 -6.26
C ILE B 11 -20.36 1.01 -5.27
N LEU B 12 -21.28 0.22 -5.81
CA LEU B 12 -22.09 -0.64 -4.95
C LEU B 12 -21.25 -1.81 -4.44
N LEU B 13 -20.12 -2.06 -5.10
CA LEU B 13 -19.21 -3.14 -4.71
C LEU B 13 -17.92 -2.59 -4.12
N ALA B 14 -17.91 -1.30 -3.80
CA ALA B 14 -16.70 -0.64 -3.30
C ALA B 14 -16.86 -0.14 -1.86
N THR B 15 -17.41 -1.01 -1.01
CA THR B 15 -17.55 -0.70 0.39
C THR B 15 -17.21 -1.96 1.21
N ASP B 16 -16.92 -1.80 2.50
CA ASP B 16 -16.79 -2.95 3.40
C ASP B 16 -18.11 -3.72 3.40
N SER B 17 -18.02 -5.04 3.24
CA SER B 17 -19.19 -5.91 3.17
C SER B 17 -20.26 -5.65 4.21
N TYR B 18 -19.86 -5.47 5.48
CA TYR B 18 -20.86 -5.32 6.53
C TYR B 18 -21.74 -4.09 6.35
N LYS B 19 -21.24 -3.08 5.64
CA LYS B 19 -22.02 -1.87 5.40
C LYS B 19 -23.25 -2.13 4.52
N VAL B 20 -23.22 -3.21 3.76
CA VAL B 20 -24.39 -3.64 3.00
C VAL B 20 -25.60 -3.87 3.93
N THR B 21 -25.33 -4.28 5.16
CA THR B 21 -26.38 -4.63 6.12
C THR B 21 -26.77 -3.49 7.07
N HIS B 22 -26.14 -2.33 6.93
CA HIS B 22 -26.33 -1.26 7.92
C HIS B 22 -27.65 -0.50 7.80
N TYR B 23 -28.26 -0.48 6.62
CA TYR B 23 -29.52 0.25 6.45
C TYR B 23 -30.61 -0.35 7.34
N LYS B 24 -30.47 -1.62 7.68
CA LYS B 24 -31.41 -2.31 8.56
C LYS B 24 -31.10 -2.11 10.04
N GLN B 25 -29.99 -1.46 10.34
CA GLN B 25 -29.51 -1.36 11.72
C GLN B 25 -29.70 0.01 12.38
N TYR B 26 -29.79 1.07 11.59
CA TYR B 26 -29.99 2.41 12.16
C TYR B 26 -31.39 2.49 12.80
N PRO B 27 -31.60 3.44 13.71
CA PRO B 27 -32.96 3.60 14.27
C PRO B 27 -34.00 3.82 13.18
N PRO B 28 -35.19 3.22 13.33
CA PRO B 28 -36.29 3.49 12.41
C PRO B 28 -36.56 4.99 12.28
N ASN B 29 -36.93 5.41 11.07
CA ASN B 29 -37.24 6.82 10.80
C ASN B 29 -36.03 7.73 10.96
N THR B 30 -34.84 7.22 10.64
CA THR B 30 -33.67 8.07 10.60
C THR B 30 -33.58 8.75 9.24
N SER B 31 -33.60 10.08 9.23
CA SER B 31 -33.59 10.84 7.97
C SER B 31 -32.22 11.40 7.62
N LYS B 32 -31.34 11.47 8.60
CA LYS B 32 -30.04 12.08 8.38
C LYS B 32 -28.93 11.35 9.12
N VAL B 33 -27.85 11.07 8.41
CA VAL B 33 -26.63 10.57 9.02
C VAL B 33 -25.51 11.51 8.59
N TYR B 34 -24.84 12.10 9.58
CA TYR B 34 -23.81 13.09 9.35
C TYR B 34 -22.54 12.59 9.99
N SER B 35 -21.46 12.56 9.21
CA SER B 35 -20.20 11.99 9.64
C SER B 35 -19.02 12.89 9.27
N TYR B 36 -17.88 12.65 9.90
CA TYR B 36 -16.73 13.52 9.70
C TYR B 36 -15.44 12.72 9.72
N PHE B 37 -14.40 13.29 9.11
CA PHE B 37 -13.08 12.68 9.05
C PHE B 37 -12.10 13.57 9.82
N GLU B 38 -11.21 12.95 10.60
CA GLU B 38 -10.13 13.67 11.27
C GLU B 38 -8.89 12.79 11.35
N CYS B 39 -7.76 13.43 11.66
CA CYS B 39 -6.55 12.74 12.01
C CYS B 39 -6.44 12.88 13.52
N ARG B 40 -7.06 11.94 14.22
CA ARG B 40 -7.32 12.03 15.65
C ARG B 40 -6.05 12.31 16.44
N GLU B 41 -6.17 13.15 17.46
CA GLU B 41 -5.04 13.49 18.30
C GLU B 41 -4.66 12.29 19.20
N LYS B 42 -3.40 12.24 19.61
CA LYS B 42 -2.94 11.28 20.61
C LYS B 42 -2.66 11.93 21.96
N LYS B 53 5.41 13.52 17.59
CA LYS B 53 5.68 13.58 16.16
C LYS B 53 4.37 13.68 15.37
N TYR B 54 4.42 14.32 14.20
CA TYR B 54 3.24 14.52 13.35
C TYR B 54 2.11 15.32 14.00
N GLU B 55 2.45 16.51 14.48
CA GLU B 55 1.49 17.38 15.14
C GLU B 55 0.51 18.05 14.16
N GLU B 56 0.86 18.08 12.89
CA GLU B 56 0.02 18.71 11.86
C GLU B 56 0.04 17.86 10.59
N THR B 57 -1.05 17.87 9.84
CA THR B 57 -1.17 17.02 8.66
C THR B 57 -1.48 17.88 7.43
N VAL B 58 -1.06 17.39 6.26
CA VAL B 58 -1.38 18.03 4.99
C VAL B 58 -2.66 17.38 4.46
N PHE B 59 -3.71 18.16 4.26
CA PHE B 59 -4.92 17.58 3.65
C PHE B 59 -4.75 17.49 2.15
N TYR B 60 -4.71 16.27 1.63
CA TYR B 60 -4.52 16.09 0.20
C TYR B 60 -5.14 14.79 -0.28
N GLY B 61 -5.85 14.84 -1.40
CA GLY B 61 -6.22 13.59 -2.08
C GLY B 61 -7.69 13.35 -2.30
N LEU B 62 -8.54 14.09 -1.57
CA LEU B 62 -9.98 13.90 -1.65
C LEU B 62 -10.50 14.21 -3.06
N GLN B 63 -9.93 15.24 -3.68
CA GLN B 63 -10.36 15.68 -5.01
C GLN B 63 -10.24 14.54 -6.02
N TYR B 64 -9.15 13.77 -5.93
CA TYR B 64 -8.96 12.59 -6.77
C TYR B 64 -10.09 11.58 -6.61
N ILE B 65 -10.40 11.29 -5.36
CA ILE B 65 -11.47 10.34 -5.03
C ILE B 65 -12.83 10.82 -5.55
N LEU B 66 -13.14 12.09 -5.31
CA LEU B 66 -14.43 12.67 -5.73
C LEU B 66 -14.62 12.53 -7.23
N ASN B 67 -13.59 12.92 -7.98
CA ASN B 67 -13.65 12.88 -9.43
C ASN B 67 -13.65 11.48 -10.01
N LYS B 68 -12.79 10.61 -9.50
CA LYS B 68 -12.64 9.30 -10.12
C LYS B 68 -13.78 8.37 -9.78
N TYR B 69 -14.29 8.47 -8.56
CA TYR B 69 -15.20 7.46 -8.05
C TYR B 69 -16.61 7.92 -7.68
N LEU B 70 -16.77 9.17 -7.24
CA LEU B 70 -18.05 9.60 -6.67
C LEU B 70 -18.94 10.48 -7.56
N LYS B 71 -18.36 11.18 -8.52
CA LYS B 71 -19.15 12.16 -9.27
C LYS B 71 -19.89 11.53 -10.44
N GLY B 72 -21.00 12.16 -10.82
CA GLY B 72 -21.74 11.77 -12.01
C GLY B 72 -22.65 10.57 -11.82
N LYS B 73 -23.05 9.95 -12.92
CA LYS B 73 -23.91 8.79 -12.84
C LYS B 73 -23.09 7.58 -12.41
N VAL B 74 -23.18 7.23 -11.14
CA VAL B 74 -22.37 6.14 -10.60
C VAL B 74 -23.23 4.91 -10.32
N VAL B 75 -24.52 5.02 -10.58
CA VAL B 75 -25.43 3.91 -10.42
C VAL B 75 -26.12 3.62 -11.76
N THR B 76 -26.11 2.36 -12.19
CA THR B 76 -26.90 1.93 -13.34
C THR B 76 -27.68 0.67 -12.96
N LYS B 77 -28.67 0.30 -13.79
CA LYS B 77 -29.42 -0.94 -13.59
C LYS B 77 -28.48 -2.14 -13.55
N GLU B 78 -27.51 -2.14 -14.44
CA GLU B 78 -26.54 -3.23 -14.54
C GLU B 78 -25.71 -3.34 -13.26
N LYS B 79 -25.26 -2.20 -12.74
CA LYS B 79 -24.46 -2.20 -11.53
C LYS B 79 -25.25 -2.66 -10.31
N ILE B 80 -26.53 -2.34 -10.29
CA ILE B 80 -27.37 -2.77 -9.19
C ILE B 80 -27.56 -4.30 -9.25
N GLN B 81 -27.85 -4.80 -10.45
CA GLN B 81 -28.01 -6.24 -10.62
C GLN B 81 -26.73 -7.01 -10.29
N GLU B 82 -25.59 -6.50 -10.76
CA GLU B 82 -24.29 -7.10 -10.44
C GLU B 82 -24.07 -7.20 -8.93
N ALA B 83 -24.32 -6.11 -8.22
CA ALA B 83 -24.11 -6.08 -6.79
C ALA B 83 -25.08 -7.03 -6.07
N LYS B 84 -26.33 -7.04 -6.52
CA LYS B 84 -27.31 -7.98 -5.99
C LYS B 84 -26.83 -9.43 -6.11
N ASP B 85 -26.33 -9.79 -7.29
CA ASP B 85 -25.91 -11.16 -7.56
C ASP B 85 -24.68 -11.54 -6.74
N VAL B 86 -23.73 -10.63 -6.61
CA VAL B 86 -22.52 -10.86 -5.83
C VAL B 86 -22.83 -11.02 -4.33
N TYR B 87 -23.61 -10.09 -3.79
CA TYR B 87 -23.90 -10.09 -2.36
C TYR B 87 -24.76 -11.27 -1.97
N LYS B 88 -25.59 -11.75 -2.88
CA LYS B 88 -26.37 -12.93 -2.58
C LYS B 88 -25.46 -14.12 -2.26
N GLU B 89 -24.38 -14.26 -3.03
CA GLU B 89 -23.46 -15.37 -2.82
C GLU B 89 -22.46 -15.09 -1.68
N HIS B 90 -21.99 -13.85 -1.60
CA HIS B 90 -21.04 -13.40 -0.58
C HIS B 90 -21.58 -13.54 0.84
N PHE B 91 -22.87 -13.23 1.04
CA PHE B 91 -23.52 -13.37 2.34
C PHE B 91 -24.32 -14.67 2.49
N GLN B 92 -24.43 -15.42 1.39
CA GLN B 92 -25.28 -16.60 1.34
C GLN B 92 -26.70 -16.27 1.77
N ASP B 93 -27.17 -15.10 1.36
CA ASP B 93 -28.45 -14.56 1.80
C ASP B 93 -28.75 -13.26 1.07
N ASP B 94 -30.03 -12.88 1.03
CA ASP B 94 -30.47 -11.66 0.37
C ASP B 94 -30.62 -10.52 1.38
N VAL B 95 -29.58 -9.69 1.49
CA VAL B 95 -29.58 -8.62 2.48
C VAL B 95 -29.28 -7.27 1.80
N PHE B 96 -29.07 -7.30 0.49
CA PHE B 96 -28.74 -6.11 -0.27
C PHE B 96 -29.91 -5.12 -0.48
N ASN B 97 -29.66 -3.84 -0.22
CA ASN B 97 -30.68 -2.80 -0.35
C ASN B 97 -30.92 -2.42 -1.81
N GLU B 98 -31.51 -3.32 -2.58
CA GLU B 98 -31.77 -3.05 -4.00
C GLU B 98 -32.68 -1.83 -4.18
N LYS B 99 -33.70 -1.74 -3.33
CA LYS B 99 -34.67 -0.63 -3.41
C LYS B 99 -34.04 0.75 -3.20
N GLY B 100 -33.14 0.85 -2.22
CA GLY B 100 -32.50 2.12 -1.92
C GLY B 100 -31.67 2.62 -3.10
N TRP B 101 -30.90 1.72 -3.69
CA TRP B 101 -30.07 2.06 -4.84
C TRP B 101 -30.91 2.39 -6.08
N ASN B 102 -31.98 1.63 -6.27
CA ASN B 102 -32.95 1.95 -7.33
C ASN B 102 -33.56 3.33 -7.18
N TYR B 103 -33.87 3.70 -5.95
CA TYR B 103 -34.34 5.05 -5.67
C TYR B 103 -33.37 6.10 -6.21
N ILE B 104 -32.09 5.94 -5.92
CA ILE B 104 -31.07 6.89 -6.35
C ILE B 104 -30.99 6.94 -7.88
N LEU B 105 -31.03 5.76 -8.50
CA LEU B 105 -31.07 5.65 -9.96
C LEU B 105 -32.27 6.39 -10.55
N GLU B 106 -33.45 6.13 -10.02
CA GLU B 106 -34.68 6.67 -10.61
C GLU B 106 -34.86 8.15 -10.32
N LYS B 107 -34.62 8.55 -9.08
CA LYS B 107 -34.84 9.92 -8.66
C LYS B 107 -33.74 10.88 -9.11
N TYR B 108 -32.48 10.44 -9.07
CA TYR B 108 -31.36 11.35 -9.29
C TYR B 108 -30.50 10.99 -10.49
N ASP B 109 -31.04 10.19 -11.40
CA ASP B 109 -30.28 9.65 -12.53
C ASP B 109 -28.94 9.08 -12.06
N GLY B 110 -28.95 8.38 -10.93
CA GLY B 110 -27.76 7.70 -10.45
C GLY B 110 -26.67 8.57 -9.86
N HIS B 111 -27.00 9.84 -9.60
CA HIS B 111 -26.08 10.78 -8.93
C HIS B 111 -26.31 10.72 -7.41
N LEU B 112 -25.22 10.72 -6.63
CA LEU B 112 -25.32 10.53 -5.18
C LEU B 112 -25.86 11.76 -4.43
N PRO B 113 -26.97 11.59 -3.71
CA PRO B 113 -27.53 12.69 -2.89
C PRO B 113 -26.75 12.83 -1.58
N ILE B 114 -25.54 13.34 -1.73
CA ILE B 114 -24.57 13.47 -0.65
C ILE B 114 -23.97 14.88 -0.73
N GLU B 115 -23.74 15.51 0.42
CA GLU B 115 -22.97 16.75 0.46
C GLU B 115 -21.69 16.59 1.29
N ILE B 116 -20.57 17.00 0.70
CA ILE B 116 -19.27 16.88 1.37
C ILE B 116 -18.68 18.27 1.50
N LYS B 117 -18.31 18.63 2.73
CA LYS B 117 -17.58 19.87 2.98
C LYS B 117 -16.15 19.51 3.40
N ALA B 118 -15.16 20.31 2.98
CA ALA B 118 -13.76 19.97 3.27
C ALA B 118 -12.86 21.19 3.40
N VAL B 119 -11.75 21.03 4.13
CA VAL B 119 -10.71 22.05 4.17
C VAL B 119 -10.02 22.05 2.81
N PRO B 120 -9.45 23.20 2.41
CA PRO B 120 -8.80 23.24 1.09
C PRO B 120 -7.61 22.30 1.00
N GLU B 121 -7.45 21.64 -0.13
CA GLU B 121 -6.32 20.74 -0.29
C GLU B 121 -4.99 21.48 -0.20
N GLY B 122 -4.02 20.83 0.41
CA GLY B 122 -2.72 21.44 0.66
C GLY B 122 -2.66 22.09 2.03
N PHE B 123 -3.83 22.34 2.64
CA PHE B 123 -3.87 22.98 3.95
C PHE B 123 -3.14 22.16 5.00
N VAL B 124 -2.45 22.84 5.90
CA VAL B 124 -1.70 22.19 6.96
C VAL B 124 -2.45 22.46 8.26
N ILE B 125 -2.97 21.41 8.88
CA ILE B 125 -3.89 21.54 10.01
C ILE B 125 -3.41 20.67 11.15
N PRO B 126 -3.44 21.20 12.38
CA PRO B 126 -3.10 20.40 13.56
C PRO B 126 -4.02 19.20 13.71
N ARG B 127 -3.45 18.12 14.25
CA ARG B 127 -4.22 16.92 14.58
C ARG B 127 -5.47 17.23 15.38
N GLY B 128 -6.52 16.45 15.15
CA GLY B 128 -7.72 16.52 15.97
C GLY B 128 -8.70 17.57 15.50
N ASN B 129 -8.57 17.97 14.23
CA ASN B 129 -9.49 18.91 13.63
C ASN B 129 -10.34 18.25 12.57
N VAL B 130 -11.59 18.69 12.42
CA VAL B 130 -12.42 18.21 11.31
C VAL B 130 -11.78 18.59 9.97
N LEU B 131 -11.63 17.62 9.08
CA LEU B 131 -11.00 17.84 7.77
C LEU B 131 -12.03 17.79 6.65
N PHE B 132 -12.98 16.87 6.77
CA PHE B 132 -14.16 16.89 5.91
C PHE B 132 -15.37 16.29 6.59
N THR B 133 -16.56 16.68 6.15
CA THR B 133 -17.81 16.14 6.67
C THR B 133 -18.64 15.59 5.51
N VAL B 134 -19.49 14.62 5.83
CA VAL B 134 -20.35 13.97 4.83
C VAL B 134 -21.77 13.88 5.38
N GLU B 135 -22.75 14.33 4.60
CA GLU B 135 -24.16 14.06 4.97
C GLU B 135 -25.04 13.78 3.74
N ASN B 136 -26.10 13.01 3.96
CA ASN B 136 -27.07 12.75 2.90
C ASN B 136 -27.99 13.96 2.68
N THR B 137 -28.36 14.23 1.43
CA THR B 137 -29.22 15.37 1.12
C THR B 137 -30.67 14.98 0.87
N ASP B 138 -30.92 13.66 0.84
CA ASP B 138 -32.27 13.10 0.74
C ASP B 138 -32.49 12.18 1.93
N PRO B 139 -33.62 12.35 2.64
CA PRO B 139 -33.94 11.52 3.83
C PRO B 139 -33.96 10.03 3.52
N GLU B 140 -34.38 9.65 2.32
CA GLU B 140 -34.39 8.25 1.92
C GLU B 140 -32.97 7.67 1.90
N CYS B 141 -31.97 8.53 1.78
CA CYS B 141 -30.60 8.08 1.61
C CYS B 141 -29.74 8.24 2.86
N TYR B 142 -30.35 8.10 4.03
CA TYR B 142 -29.65 8.20 5.32
C TYR B 142 -28.51 7.19 5.39
N TRP B 143 -28.69 6.04 4.72
CA TRP B 143 -27.76 4.93 4.77
C TRP B 143 -26.53 5.17 3.88
N LEU B 144 -26.60 6.19 3.03
CA LEU B 144 -25.59 6.40 2.00
C LEU B 144 -24.32 7.04 2.57
N THR B 145 -24.49 7.88 3.59
CA THR B 145 -23.37 8.55 4.22
C THR B 145 -22.25 7.59 4.60
N ASN B 146 -22.57 6.55 5.36
CA ASN B 146 -21.54 5.64 5.80
C ASN B 146 -21.23 4.52 4.82
N TRP B 147 -22.09 4.33 3.82
CA TRP B 147 -21.77 3.42 2.73
C TRP B 147 -20.45 3.84 2.10
N ILE B 148 -20.28 5.14 1.91
CA ILE B 148 -19.08 5.65 1.24
C ILE B 148 -17.93 5.97 2.19
N GLU B 149 -18.06 5.56 3.46
CA GLU B 149 -16.93 5.71 4.39
C GLU B 149 -15.67 5.08 3.83
N THR B 150 -15.78 3.85 3.33
CA THR B 150 -14.60 3.06 3.00
C THR B 150 -13.77 3.75 1.93
N ILE B 151 -14.46 4.19 0.88
CA ILE B 151 -13.80 4.88 -0.21
C ILE B 151 -13.21 6.24 0.18
N LEU B 152 -13.89 6.98 1.04
CA LEU B 152 -13.40 8.29 1.46
C LEU B 152 -12.24 8.17 2.44
N VAL B 153 -12.28 7.13 3.28
CA VAL B 153 -11.24 6.92 4.29
C VAL B 153 -9.89 6.62 3.68
N GLN B 154 -9.88 6.07 2.47
CA GLN B 154 -8.63 5.85 1.74
C GLN B 154 -7.88 7.16 1.45
N SER B 155 -8.52 8.30 1.70
CA SER B 155 -7.81 9.57 1.66
C SER B 155 -6.66 9.59 2.68
N TRP B 156 -6.68 8.65 3.64
CA TRP B 156 -5.64 8.58 4.66
C TRP B 156 -4.28 8.47 3.98
N TYR B 157 -4.22 7.75 2.87
CA TYR B 157 -2.95 7.46 2.24
C TYR B 157 -2.31 8.72 1.62
N PRO B 158 -3.02 9.41 0.72
CA PRO B 158 -2.36 10.63 0.21
C PRO B 158 -2.10 11.66 1.32
N ILE B 159 -2.98 11.77 2.30
CA ILE B 159 -2.74 12.68 3.42
C ILE B 159 -1.43 12.29 4.13
N THR B 160 -1.26 10.99 4.33
CA THR B 160 -0.13 10.50 5.14
C THR B 160 1.19 10.57 4.39
N VAL B 161 1.18 10.20 3.11
CA VAL B 161 2.37 10.37 2.29
C VAL B 161 2.76 11.85 2.23
N ALA B 162 1.80 12.73 1.92
CA ALA B 162 2.09 14.17 1.83
C ALA B 162 2.64 14.72 3.15
N THR B 163 2.05 14.29 4.26
CA THR B 163 2.48 14.78 5.57
C THR B 163 3.88 14.30 5.94
N ASN B 164 4.12 13.00 5.76
CA ASN B 164 5.42 12.42 6.09
C ASN B 164 6.50 12.93 5.13
N SER B 165 6.13 13.12 3.87
CA SER B 165 7.04 13.77 2.91
C SER B 165 7.42 15.17 3.39
N ARG B 166 6.43 15.97 3.79
CA ARG B 166 6.67 17.32 4.28
C ARG B 166 7.51 17.36 5.56
N GLU B 167 7.32 16.38 6.45
CA GLU B 167 8.12 16.33 7.67
C GLU B 167 9.59 16.09 7.33
N GLN B 168 9.83 15.30 6.30
CA GLN B 168 11.20 15.11 5.84
C GLN B 168 11.75 16.39 5.21
N LYS B 169 10.89 17.15 4.52
CA LYS B 169 11.31 18.43 3.95
C LYS B 169 11.72 19.41 5.06
N LYS B 170 11.08 19.31 6.22
CA LYS B 170 11.39 20.18 7.35
C LYS B 170 12.77 19.88 7.89
N ILE B 171 13.08 18.59 8.00
CA ILE B 171 14.41 18.15 8.44
C ILE B 171 15.46 18.64 7.45
N LEU B 172 15.22 18.40 6.18
CA LEU B 172 16.21 18.77 5.16
C LEU B 172 16.43 20.27 5.16
N ALA B 173 15.34 21.04 5.24
CA ALA B 173 15.46 22.49 5.22
C ALA B 173 16.28 22.98 6.40
N LYS B 174 16.03 22.39 7.58
CA LYS B 174 16.73 22.81 8.78
C LYS B 174 18.23 22.61 8.64
N TYR B 175 18.62 21.46 8.13
CA TYR B 175 20.05 21.12 8.06
C TYR B 175 20.73 21.79 6.85
N LEU B 176 19.96 21.99 5.77
CA LEU B 176 20.48 22.69 4.61
C LEU B 176 20.73 24.16 4.95
N LEU B 177 19.78 24.77 5.64
CA LEU B 177 19.91 26.16 6.06
C LEU B 177 21.09 26.32 7.01
N GLU B 178 21.21 25.40 7.97
CA GLU B 178 22.27 25.48 8.96
C GLU B 178 23.67 25.26 8.38
N THR B 179 23.80 24.39 7.38
CA THR B 179 25.12 24.09 6.81
C THR B 179 25.50 24.87 5.54
N SER B 180 24.54 25.54 4.93
CA SER B 180 24.80 26.26 3.67
C SER B 180 24.34 27.71 3.70
N GLY B 181 23.43 28.04 4.63
CA GLY B 181 22.92 29.40 4.74
C GLY B 181 21.71 29.71 3.88
N ASN B 182 21.24 28.73 3.11
CA ASN B 182 20.07 28.94 2.28
C ASN B 182 19.35 27.63 1.99
N LEU B 183 18.30 27.71 1.19
CA LEU B 183 17.47 26.55 0.88
C LEU B 183 17.51 26.18 -0.60
N ASP B 184 18.55 26.60 -1.32
CA ASP B 184 18.63 26.32 -2.75
C ASP B 184 18.65 24.80 -3.01
N GLY B 185 17.75 24.33 -3.86
CA GLY B 185 17.75 22.93 -4.25
C GLY B 185 16.99 22.03 -3.30
N LEU B 186 16.37 22.63 -2.28
CA LEU B 186 15.62 21.87 -1.28
C LEU B 186 14.60 20.90 -1.90
N GLU B 187 13.89 21.38 -2.92
CA GLU B 187 12.80 20.62 -3.51
C GLU B 187 13.30 19.47 -4.39
N TYR B 188 14.62 19.37 -4.53
CA TYR B 188 15.22 18.28 -5.30
C TYR B 188 15.94 17.30 -4.38
N LYS B 189 15.82 17.50 -3.07
CA LYS B 189 16.64 16.73 -2.13
C LYS B 189 16.06 15.38 -1.72
N LEU B 190 14.78 15.15 -2.02
CA LEU B 190 14.16 13.87 -1.70
C LEU B 190 13.45 13.35 -2.94
N HIS B 191 13.97 12.26 -3.47
CA HIS B 191 13.57 11.73 -4.77
C HIS B 191 12.78 10.44 -4.55
N ASP B 192 11.57 10.39 -5.09
CA ASP B 192 10.68 9.23 -4.92
C ASP B 192 11.21 8.07 -5.79
N PHE B 193 11.66 7.00 -5.13
CA PHE B 193 12.12 5.76 -5.77
C PHE B 193 11.09 4.64 -5.54
N GLY B 194 9.87 4.98 -5.19
CA GLY B 194 8.96 3.99 -4.62
C GLY B 194 8.11 3.14 -5.55
N TYR B 195 8.26 3.33 -6.86
CA TYR B 195 7.37 2.70 -7.84
C TYR B 195 7.29 1.16 -7.67
N ARG B 196 8.43 0.49 -7.57
CA ARG B 196 8.43 -0.96 -7.46
C ARG B 196 8.04 -1.44 -6.08
N GLY B 197 8.15 -0.56 -5.08
CA GLY B 197 7.95 -0.94 -3.69
C GLY B 197 6.56 -0.67 -3.13
N VAL B 198 5.64 -0.19 -3.97
CA VAL B 198 4.27 -0.02 -3.52
C VAL B 198 3.42 -1.20 -3.95
N SER B 199 2.17 -1.20 -3.49
CA SER B 199 1.33 -2.38 -3.60
C SER B 199 0.53 -2.47 -4.90
N SER B 200 0.48 -1.39 -5.68
CA SER B 200 -0.24 -1.43 -6.96
C SER B 200 0.09 -0.23 -7.83
N GLN B 201 -0.33 -0.31 -9.09
CA GLN B 201 -0.16 0.80 -10.01
C GLN B 201 -0.96 2.02 -9.54
N GLU B 202 -2.15 1.79 -9.00
CA GLU B 202 -2.97 2.92 -8.57
C GLU B 202 -2.36 3.62 -7.36
N THR B 203 -1.92 2.84 -6.38
CA THR B 203 -1.20 3.38 -5.25
C THR B 203 0.06 4.16 -5.65
N ALA B 204 0.78 3.65 -6.63
CA ALA B 204 1.96 4.34 -7.16
C ALA B 204 1.63 5.79 -7.57
N GLY B 205 0.57 5.95 -8.36
CA GLY B 205 0.15 7.26 -8.84
C GLY B 205 -0.27 8.20 -7.72
N ILE B 206 -1.12 7.70 -6.83
CA ILE B 206 -1.60 8.49 -5.70
C ILE B 206 -0.44 8.92 -4.79
N GLY B 207 0.37 7.93 -4.36
CA GLY B 207 1.48 8.21 -3.47
C GLY B 207 2.52 9.16 -4.08
N ALA B 208 2.89 8.93 -5.33
CA ALA B 208 3.85 9.82 -6.00
C ALA B 208 3.29 11.24 -6.06
N SER B 209 2.00 11.36 -6.38
CA SER B 209 1.40 12.67 -6.49
C SER B 209 1.51 13.38 -5.14
N ALA B 210 1.35 12.63 -4.06
CA ALA B 210 1.38 13.20 -2.72
C ALA B 210 2.78 13.69 -2.35
N HIS B 211 3.80 12.94 -2.74
CA HIS B 211 5.18 13.35 -2.51
C HIS B 211 5.44 14.66 -3.27
N LEU B 212 4.84 14.78 -4.44
CA LEU B 212 5.10 15.93 -5.33
C LEU B 212 4.46 17.22 -4.82
N VAL B 213 3.63 17.10 -3.78
CA VAL B 213 3.13 18.25 -3.07
C VAL B 213 4.29 19.03 -2.45
N ASN B 214 5.35 18.30 -2.07
CA ASN B 214 6.48 18.87 -1.36
C ASN B 214 7.77 18.99 -2.17
N PHE B 215 7.97 18.06 -3.09
CA PHE B 215 9.22 17.94 -3.83
C PHE B 215 8.96 17.86 -5.34
N LYS B 216 10.04 17.91 -6.12
CA LYS B 216 9.95 17.90 -7.57
C LYS B 216 10.72 16.75 -8.23
N ARG B 217 11.31 15.85 -7.43
CA ARG B 217 12.04 14.72 -7.99
C ARG B 217 11.30 13.40 -7.78
N THR B 218 11.05 12.70 -8.88
CA THR B 218 10.36 11.42 -8.80
C THR B 218 10.71 10.51 -9.97
N ASP B 219 10.78 9.21 -9.71
CA ASP B 219 10.90 8.19 -10.75
C ASP B 219 9.58 7.44 -10.91
N THR B 220 8.60 7.80 -10.09
CA THR B 220 7.31 7.15 -10.14
C THR B 220 6.40 7.89 -11.14
N VAL B 221 6.59 7.53 -12.41
CA VAL B 221 5.98 8.24 -13.54
C VAL B 221 4.47 8.36 -13.43
N ALA B 222 3.86 7.37 -12.80
CA ALA B 222 2.40 7.32 -12.65
C ALA B 222 1.83 8.57 -11.98
N GLY B 223 2.62 9.23 -11.15
CA GLY B 223 2.16 10.41 -10.45
C GLY B 223 1.88 11.61 -11.36
N LEU B 224 2.62 11.69 -12.46
CA LEU B 224 2.46 12.82 -13.38
C LEU B 224 1.06 12.84 -14.01
N ALA B 225 0.63 11.70 -14.54
CA ALA B 225 -0.65 11.62 -15.23
C ALA B 225 -1.82 11.89 -14.29
N LEU B 226 -1.70 11.42 -13.06
CA LEU B 226 -2.74 11.64 -12.08
C LEU B 226 -2.89 13.13 -11.81
N ILE B 227 -1.77 13.80 -11.53
CA ILE B 227 -1.83 15.23 -11.26
C ILE B 227 -2.39 15.99 -12.46
N LYS B 228 -1.94 15.64 -13.66
CA LYS B 228 -2.39 16.32 -14.87
C LYS B 228 -3.91 16.14 -15.08
N LYS B 229 -4.42 14.96 -14.74
CA LYS B 229 -5.84 14.67 -14.97
C LYS B 229 -6.74 15.26 -13.90
N TYR B 230 -6.30 15.21 -12.64
CA TYR B 230 -7.19 15.53 -11.52
C TYR B 230 -6.94 16.88 -10.87
N TYR B 231 -5.76 17.46 -11.07
CA TYR B 231 -5.43 18.70 -10.36
C TYR B 231 -4.96 19.82 -11.30
N GLY B 232 -3.93 19.53 -12.08
CA GLY B 232 -3.39 20.47 -13.07
C GLY B 232 -2.26 21.35 -12.55
N THR B 233 -1.27 21.61 -13.39
CA THR B 233 -0.18 22.53 -13.06
C THR B 233 0.03 23.49 -14.22
N LYS B 234 0.52 24.69 -13.92
CA LYS B 234 0.91 25.62 -14.99
C LYS B 234 2.08 25.03 -15.77
N ASP B 235 3.05 24.44 -15.07
CA ASP B 235 4.15 23.74 -15.73
C ASP B 235 3.66 22.51 -16.49
N PRO B 236 4.37 22.13 -17.56
CA PRO B 236 4.03 20.91 -18.31
C PRO B 236 3.98 19.66 -17.44
N VAL B 237 4.96 19.47 -16.55
CA VAL B 237 4.92 18.35 -15.60
C VAL B 237 5.21 18.81 -14.17
N PRO B 238 4.65 18.10 -13.18
CA PRO B 238 4.90 18.52 -11.79
C PRO B 238 6.22 17.98 -11.23
N GLY B 239 6.78 16.94 -11.87
CA GLY B 239 7.96 16.29 -11.34
C GLY B 239 8.96 15.86 -12.40
N TYR B 240 10.22 15.73 -11.98
CA TYR B 240 11.34 15.53 -12.89
C TYR B 240 12.24 14.39 -12.44
N SER B 241 13.00 13.85 -13.38
CA SER B 241 14.03 12.87 -13.05
C SER B 241 15.30 13.18 -13.83
N VAL B 242 16.36 12.40 -13.58
CA VAL B 242 17.61 12.55 -14.32
C VAL B 242 18.12 11.16 -14.68
N PRO B 243 18.92 11.09 -15.75
CA PRO B 243 19.49 9.80 -16.15
C PRO B 243 20.21 9.17 -14.96
N ALA B 244 20.07 7.86 -14.85
CA ALA B 244 20.71 7.14 -13.77
C ALA B 244 20.90 5.69 -14.16
N ALA B 245 21.98 5.09 -13.65
CA ALA B 245 22.21 3.65 -13.83
C ALA B 245 21.43 2.83 -12.79
N GLU B 246 21.23 1.55 -13.08
CA GLU B 246 20.84 0.59 -12.05
C GLU B 246 21.91 -0.47 -12.03
N HIS B 247 21.80 -1.44 -11.13
CA HIS B 247 22.84 -2.46 -11.04
C HIS B 247 23.04 -3.23 -12.34
N SER B 248 21.94 -3.51 -13.05
CA SER B 248 22.04 -4.30 -14.27
C SER B 248 22.83 -3.61 -15.38
N THR B 249 22.78 -2.28 -15.44
CA THR B 249 23.55 -1.60 -16.48
C THR B 249 25.04 -1.49 -16.13
N ILE B 250 25.39 -1.83 -14.89
CA ILE B 250 26.81 -1.96 -14.53
C ILE B 250 27.29 -3.42 -14.63
N THR B 251 26.58 -4.30 -13.93
CA THR B 251 27.01 -5.69 -13.83
C THR B 251 26.98 -6.42 -15.17
N ALA B 252 26.10 -5.99 -16.08
CA ALA B 252 26.03 -6.62 -17.41
C ALA B 252 27.36 -6.55 -18.18
N TRP B 253 28.24 -5.64 -17.77
CA TRP B 253 29.53 -5.45 -18.42
C TRP B 253 30.51 -6.52 -17.97
N GLY B 254 30.16 -7.23 -16.90
CA GLY B 254 31.06 -8.22 -16.34
C GLY B 254 31.82 -7.66 -15.17
N LYS B 255 32.13 -8.53 -14.21
CA LYS B 255 32.76 -8.12 -12.95
C LYS B 255 34.12 -7.45 -13.11
N ASP B 256 34.84 -7.76 -14.18
CA ASP B 256 36.15 -7.14 -14.41
C ASP B 256 36.05 -5.83 -15.20
N HIS B 257 34.83 -5.42 -15.54
CA HIS B 257 34.68 -4.26 -16.42
C HIS B 257 33.79 -3.16 -15.85
N GLU B 258 33.78 -3.03 -14.53
CA GLU B 258 32.99 -1.99 -13.87
C GLU B 258 33.43 -0.61 -14.35
N LYS B 259 34.73 -0.39 -14.42
CA LYS B 259 35.28 0.85 -14.97
C LYS B 259 34.77 1.16 -16.39
N ASP B 260 34.72 0.14 -17.25
CA ASP B 260 34.24 0.35 -18.62
C ASP B 260 32.78 0.79 -18.63
N ALA B 261 32.01 0.23 -17.72
CA ALA B 261 30.60 0.58 -17.56
C ALA B 261 30.46 2.04 -17.17
N PHE B 262 31.17 2.44 -16.11
CA PHE B 262 31.14 3.81 -15.61
C PHE B 262 31.49 4.80 -16.75
N GLU B 263 32.59 4.52 -17.43
CA GLU B 263 33.06 5.41 -18.51
C GLU B 263 32.04 5.55 -19.63
N HIS B 264 31.48 4.45 -20.08
CA HIS B 264 30.45 4.47 -21.12
C HIS B 264 29.27 5.34 -20.69
N ILE B 265 28.77 5.06 -19.49
CA ILE B 265 27.59 5.76 -18.99
C ILE B 265 27.80 7.27 -18.85
N VAL B 266 28.90 7.68 -18.21
CA VAL B 266 29.14 9.11 -18.02
C VAL B 266 29.48 9.81 -19.35
N THR B 267 30.01 9.05 -20.30
CA THR B 267 30.24 9.59 -21.65
C THR B 267 28.93 9.74 -22.44
N GLN B 268 28.04 8.75 -22.33
CA GLN B 268 26.72 8.84 -22.94
C GLN B 268 25.91 10.02 -22.39
N PHE B 269 26.05 10.29 -21.10
CA PHE B 269 25.33 11.37 -20.45
C PHE B 269 26.33 12.43 -19.96
N SER B 270 27.05 13.02 -20.92
CA SER B 270 28.17 13.89 -20.61
C SER B 270 27.74 15.32 -20.28
N SER B 271 26.53 15.69 -20.67
CA SER B 271 26.11 17.08 -20.50
C SER B 271 24.77 17.23 -19.78
N VAL B 272 24.35 16.16 -19.10
CA VAL B 272 23.21 16.23 -18.18
C VAL B 272 23.67 15.57 -16.89
N PRO B 273 22.98 15.88 -15.76
CA PRO B 273 23.34 15.18 -14.52
C PRO B 273 23.19 13.68 -14.71
N VAL B 274 24.06 12.88 -14.13
CA VAL B 274 23.89 11.43 -14.22
C VAL B 274 24.24 10.73 -12.90
N SER B 275 23.30 9.94 -12.42
CA SER B 275 23.51 9.17 -11.20
C SER B 275 24.05 7.78 -11.52
N VAL B 276 25.13 7.38 -10.87
CA VAL B 276 25.72 6.07 -11.18
C VAL B 276 25.90 5.24 -9.91
N VAL B 277 25.08 4.20 -9.78
CA VAL B 277 25.18 3.28 -8.64
C VAL B 277 26.59 2.66 -8.63
N SER B 278 27.26 2.81 -7.50
CA SER B 278 28.69 2.54 -7.43
C SER B 278 29.08 1.40 -6.49
N ASP B 279 28.09 0.65 -6.02
CA ASP B 279 28.35 -0.37 -4.99
C ASP B 279 28.19 -1.81 -5.45
N SER B 280 28.14 -2.04 -6.76
CA SER B 280 27.93 -3.39 -7.29
C SER B 280 28.91 -4.40 -6.68
N TYR B 281 30.15 -3.98 -6.46
CA TYR B 281 31.16 -4.88 -5.92
C TYR B 281 31.86 -4.30 -4.70
N ASP B 282 32.27 -3.03 -4.79
CA ASP B 282 33.02 -2.40 -3.70
C ASP B 282 32.92 -0.89 -3.86
N ILE B 283 31.99 -0.31 -3.10
CA ILE B 283 31.70 1.13 -3.15
C ILE B 283 32.94 1.96 -2.84
N TYR B 284 33.77 1.48 -1.91
CA TYR B 284 34.91 2.28 -1.47
C TYR B 284 36.00 2.26 -2.54
N ASN B 285 36.22 1.09 -3.13
CA ASN B 285 37.08 0.99 -4.32
C ASN B 285 36.58 1.83 -5.49
N ALA B 286 35.28 1.78 -5.75
CA ALA B 286 34.73 2.54 -6.88
C ALA B 286 34.98 4.01 -6.69
N CYS B 287 34.76 4.49 -5.46
CA CYS B 287 34.94 5.89 -5.17
C CYS B 287 36.40 6.29 -5.22
N GLU B 288 37.24 5.53 -4.51
CA GLU B 288 38.64 5.94 -4.39
C GLU B 288 39.47 5.68 -5.64
N LYS B 289 39.26 4.53 -6.27
CA LYS B 289 40.15 4.13 -7.37
C LYS B 289 39.55 4.35 -8.75
N ILE B 290 38.28 3.97 -8.93
CA ILE B 290 37.72 4.11 -10.26
C ILE B 290 37.34 5.56 -10.55
N TRP B 291 36.42 6.11 -9.77
CA TRP B 291 36.07 7.53 -9.92
C TRP B 291 37.23 8.44 -9.53
N GLY B 292 37.90 8.09 -8.44
CA GLY B 292 38.89 8.98 -7.83
C GLY B 292 40.22 9.01 -8.55
N GLU B 293 40.49 8.00 -9.38
CA GLU B 293 41.76 7.93 -10.08
C GLU B 293 41.58 7.61 -11.57
N ASP B 294 41.10 6.42 -11.88
CA ASP B 294 41.04 5.98 -13.28
C ASP B 294 40.16 6.86 -14.17
N LEU B 295 39.02 7.31 -13.65
CA LEU B 295 38.10 8.09 -14.48
C LEU B 295 37.96 9.55 -14.03
N ARG B 296 38.85 9.99 -13.15
CA ARG B 296 38.78 11.31 -12.55
C ARG B 296 38.74 12.42 -13.61
N HIS B 297 39.49 12.22 -14.70
CA HIS B 297 39.55 13.20 -15.78
C HIS B 297 38.21 13.41 -16.48
N LEU B 298 37.32 12.41 -16.37
CA LEU B 298 36.00 12.49 -16.97
C LEU B 298 35.01 13.15 -16.03
N ILE B 299 35.41 13.31 -14.78
CA ILE B 299 34.53 13.91 -13.79
C ILE B 299 34.83 15.40 -13.62
N VAL B 300 36.11 15.72 -13.45
CA VAL B 300 36.49 17.11 -13.22
C VAL B 300 36.25 18.00 -14.45
N SER B 301 35.91 17.39 -15.59
CA SER B 301 35.66 18.16 -16.81
C SER B 301 34.19 18.49 -17.00
N ARG B 302 33.33 17.96 -16.13
CA ARG B 302 31.87 18.12 -16.27
C ARG B 302 31.35 19.49 -15.83
N SER B 303 30.21 19.87 -16.39
CA SER B 303 29.54 21.11 -16.06
C SER B 303 28.85 21.09 -14.69
N THR B 304 28.75 22.26 -14.09
CA THR B 304 28.01 22.44 -12.84
C THR B 304 26.56 22.03 -13.02
N GLN B 305 26.06 22.17 -14.24
CA GLN B 305 24.70 21.74 -14.57
C GLN B 305 24.63 20.26 -14.90
N ALA B 306 25.79 19.59 -14.93
CA ALA B 306 25.81 18.17 -15.29
C ALA B 306 26.73 17.34 -14.38
N PRO B 307 26.51 17.39 -13.06
CA PRO B 307 27.40 16.66 -12.16
C PRO B 307 27.26 15.16 -12.31
N LEU B 308 28.33 14.43 -11.95
CA LEU B 308 28.20 13.02 -11.64
C LEU B 308 27.59 12.92 -10.26
N ILE B 309 26.57 12.10 -10.12
CA ILE B 309 26.02 11.83 -8.80
C ILE B 309 26.35 10.39 -8.42
N ILE B 310 27.27 10.24 -7.47
CA ILE B 310 27.69 8.92 -7.03
C ILE B 310 26.64 8.36 -6.09
N ARG B 311 26.23 7.11 -6.32
CA ARG B 311 25.14 6.51 -5.57
C ARG B 311 25.60 5.23 -4.87
N PRO B 312 25.93 5.33 -3.58
CA PRO B 312 26.03 4.11 -2.75
C PRO B 312 24.64 3.50 -2.57
N ASP B 313 24.55 2.21 -2.25
CA ASP B 313 23.23 1.57 -2.18
C ASP B 313 23.24 0.39 -1.19
N SER B 314 24.24 0.34 -0.32
CA SER B 314 24.32 -0.75 0.64
C SER B 314 25.17 -0.38 1.85
N GLY B 315 25.05 -1.16 2.92
CA GLY B 315 25.80 -0.92 4.13
C GLY B 315 25.01 0.00 5.04
N ASN B 316 25.56 0.27 6.22
CA ASN B 316 24.92 1.20 7.13
C ASN B 316 24.85 2.55 6.43
N PRO B 317 23.63 3.10 6.25
CA PRO B 317 23.46 4.33 5.47
C PRO B 317 24.32 5.48 5.97
N LEU B 318 24.32 5.77 7.27
CA LEU B 318 25.13 6.87 7.80
C LEU B 318 26.62 6.61 7.61
N ASP B 319 27.10 5.46 8.08
CA ASP B 319 28.53 5.14 7.98
C ASP B 319 28.99 5.15 6.53
N THR B 320 28.13 4.69 5.63
CA THR B 320 28.51 4.58 4.23
C THR B 320 28.59 5.94 3.60
N VAL B 321 27.60 6.79 3.89
CA VAL B 321 27.64 8.16 3.39
C VAL B 321 28.88 8.92 3.87
N LEU B 322 29.15 8.84 5.17
CA LEU B 322 30.30 9.53 5.73
C LEU B 322 31.62 9.05 5.11
N LYS B 323 31.76 7.74 4.90
CA LYS B 323 32.99 7.19 4.34
C LYS B 323 33.13 7.55 2.86
N VAL B 324 32.01 7.52 2.12
CA VAL B 324 32.06 7.94 0.72
C VAL B 324 32.50 9.42 0.61
N LEU B 325 31.93 10.28 1.45
CA LEU B 325 32.31 11.69 1.45
C LEU B 325 33.78 11.86 1.81
N GLU B 326 34.25 11.13 2.81
CA GLU B 326 35.67 11.26 3.20
C GLU B 326 36.59 10.82 2.06
N ILE B 327 36.22 9.73 1.39
CA ILE B 327 36.99 9.28 0.24
C ILE B 327 37.05 10.33 -0.88
N LEU B 328 35.89 10.86 -1.26
CA LEU B 328 35.82 11.81 -2.36
C LEU B 328 36.54 13.09 -1.97
N GLY B 329 36.45 13.44 -0.70
CA GLY B 329 37.07 14.64 -0.20
C GLY B 329 38.58 14.64 -0.32
N LYS B 330 39.17 13.47 -0.41
CA LYS B 330 40.62 13.37 -0.55
C LYS B 330 41.07 13.17 -1.99
N LYS B 331 40.13 12.83 -2.88
CA LYS B 331 40.48 12.66 -4.29
C LYS B 331 40.07 13.86 -5.15
N PHE B 332 39.21 14.71 -4.60
CA PHE B 332 38.66 15.84 -5.33
C PHE B 332 38.84 17.14 -4.53
N PRO B 333 38.89 18.29 -5.23
CA PRO B 333 39.12 19.56 -4.55
C PRO B 333 37.90 20.02 -3.74
N VAL B 334 38.02 19.95 -2.43
CA VAL B 334 36.95 20.33 -1.52
C VAL B 334 37.14 21.76 -1.10
N THR B 335 36.04 22.50 -1.04
CA THR B 335 36.07 23.87 -0.55
C THR B 335 35.37 23.95 0.80
N GLU B 336 35.44 25.12 1.42
CA GLU B 336 34.72 25.33 2.67
C GLU B 336 33.77 26.49 2.43
N ASN B 337 32.48 26.23 2.59
CA ASN B 337 31.48 27.25 2.28
C ASN B 337 31.44 28.34 3.35
N SER B 338 30.56 29.32 3.19
CA SER B 338 30.56 30.48 4.10
C SER B 338 30.20 30.11 5.55
N LYS B 339 29.55 28.96 5.73
CA LYS B 339 29.14 28.50 7.06
C LYS B 339 30.22 27.64 7.74
N GLY B 340 31.28 27.35 7.00
CA GLY B 340 32.39 26.57 7.53
C GLY B 340 32.28 25.07 7.24
N TYR B 341 31.36 24.68 6.37
CA TYR B 341 31.16 23.27 6.05
C TYR B 341 31.80 22.89 4.74
N LYS B 342 32.25 21.64 4.66
CA LYS B 342 32.95 21.13 3.49
C LYS B 342 32.00 20.89 2.32
N LEU B 343 32.46 21.22 1.13
CA LEU B 343 31.62 21.14 -0.06
C LEU B 343 32.41 20.55 -1.21
N LEU B 344 31.88 19.50 -1.83
CA LEU B 344 32.52 18.90 -2.99
C LEU B 344 32.46 19.89 -4.14
N PRO B 345 33.34 19.74 -5.15
CA PRO B 345 33.25 20.62 -6.32
C PRO B 345 31.89 20.43 -6.99
N PRO B 346 31.42 21.42 -7.75
CA PRO B 346 30.03 21.38 -8.23
C PRO B 346 29.75 20.33 -9.30
N TYR B 347 30.77 19.68 -9.85
CA TYR B 347 30.56 18.62 -10.83
C TYR B 347 30.39 17.25 -10.13
N LEU B 348 30.39 17.25 -8.81
CA LEU B 348 30.35 15.99 -8.08
C LEU B 348 29.41 16.02 -6.89
N ARG B 349 28.44 15.11 -6.86
CA ARG B 349 27.46 15.01 -5.76
C ARG B 349 27.23 13.56 -5.37
N VAL B 350 26.49 13.37 -4.29
CA VAL B 350 26.16 12.03 -3.80
C VAL B 350 24.65 11.89 -3.60
N ILE B 351 24.11 10.69 -3.87
CA ILE B 351 22.75 10.39 -3.48
C ILE B 351 22.69 9.08 -2.69
N GLN B 352 22.06 9.14 -1.52
CA GLN B 352 21.84 7.92 -0.72
C GLN B 352 20.42 7.48 -0.98
N GLY B 353 20.25 6.34 -1.63
CA GLY B 353 18.91 5.87 -1.99
C GLY B 353 18.56 4.52 -1.40
N ASP B 354 19.27 4.11 -0.35
CA ASP B 354 19.03 2.83 0.32
C ASP B 354 18.70 3.03 1.79
N GLY B 355 17.66 2.34 2.26
CA GLY B 355 17.27 2.38 3.66
C GLY B 355 16.85 3.74 4.19
N VAL B 356 16.40 4.62 3.30
CA VAL B 356 16.03 5.96 3.72
C VAL B 356 14.56 6.04 4.13
N ASP B 357 14.33 6.42 5.38
CA ASP B 357 13.00 6.80 5.83
C ASP B 357 13.20 8.03 6.69
N ILE B 358 12.14 8.56 7.27
CA ILE B 358 12.25 9.82 8.00
C ILE B 358 13.27 9.74 9.15
N ASN B 359 13.35 8.59 9.80
CA ASN B 359 14.31 8.41 10.89
C ASN B 359 15.76 8.38 10.44
N THR B 360 16.07 7.60 9.42
CA THR B 360 17.45 7.48 8.98
C THR B 360 17.89 8.72 8.21
N LEU B 361 16.92 9.40 7.60
CA LEU B 361 17.20 10.69 6.96
C LEU B 361 17.74 11.67 8.00
N GLN B 362 17.04 11.77 9.12
CA GLN B 362 17.46 12.58 10.26
C GLN B 362 18.86 12.19 10.74
N GLU B 363 19.11 10.88 10.85
CA GLU B 363 20.41 10.40 11.32
C GLU B 363 21.55 10.74 10.37
N ILE B 364 21.31 10.63 9.07
CA ILE B 364 22.33 10.96 8.09
C ILE B 364 22.69 12.44 8.08
N VAL B 365 21.69 13.33 8.04
CA VAL B 365 21.99 14.76 7.98
C VAL B 365 22.68 15.26 9.27
N GLU B 366 22.27 14.72 10.41
CA GLU B 366 22.89 15.11 11.67
C GLU B 366 24.32 14.59 11.75
N GLY B 367 24.54 13.40 11.19
CA GLY B 367 25.88 12.80 11.17
C GLY B 367 26.80 13.56 10.25
N MET B 368 26.28 13.97 9.09
CA MET B 368 27.03 14.86 8.18
C MET B 368 27.39 16.18 8.85
N LYS B 369 26.42 16.81 9.49
CA LYS B 369 26.66 18.08 10.17
C LYS B 369 27.77 17.95 11.22
N GLN B 370 27.73 16.86 12.00
CA GLN B 370 28.76 16.64 13.03
C GLN B 370 30.15 16.46 12.43
N LYS B 371 30.22 15.90 11.23
CA LYS B 371 31.48 15.75 10.55
C LYS B 371 31.79 16.92 9.62
N MET B 372 31.02 18.01 9.75
CA MET B 372 31.28 19.25 9.01
C MET B 372 31.12 19.13 7.48
N TRP B 373 30.20 18.28 7.04
CA TRP B 373 29.85 18.15 5.63
C TRP B 373 28.54 18.89 5.35
N SER B 374 28.55 19.76 4.35
CA SER B 374 27.33 20.49 3.99
C SER B 374 26.26 19.54 3.45
N ILE B 375 25.00 19.82 3.77
CA ILE B 375 23.88 19.09 3.19
C ILE B 375 23.74 19.37 1.68
N GLU B 376 24.36 20.45 1.20
CA GLU B 376 24.51 20.67 -0.24
C GLU B 376 25.02 19.45 -1.00
N ASN B 377 25.90 18.69 -0.35
CA ASN B 377 26.57 17.57 -1.00
C ASN B 377 25.67 16.41 -1.32
N ILE B 378 24.54 16.33 -0.63
CA ILE B 378 23.76 15.11 -0.61
C ILE B 378 22.32 15.30 -1.08
N ALA B 379 21.80 14.25 -1.70
CA ALA B 379 20.37 14.10 -1.93
C ALA B 379 19.95 12.72 -1.45
N PHE B 380 18.65 12.49 -1.37
CA PHE B 380 18.15 11.22 -0.88
C PHE B 380 17.12 10.64 -1.83
N GLY B 381 17.17 9.33 -1.99
CA GLY B 381 16.11 8.61 -2.65
C GLY B 381 15.45 7.72 -1.62
N SER B 382 14.12 7.67 -1.64
CA SER B 382 13.39 6.84 -0.71
C SER B 382 12.23 6.19 -1.47
N GLY B 383 12.02 4.91 -1.22
CA GLY B 383 11.01 4.16 -1.96
C GLY B 383 9.95 3.65 -1.02
N GLY B 384 10.15 2.45 -0.50
CA GLY B 384 9.21 1.86 0.46
C GLY B 384 8.98 2.77 1.65
N GLY B 385 10.04 3.39 2.14
CA GLY B 385 9.94 4.26 3.30
C GLY B 385 9.07 5.48 3.02
N LEU B 386 9.04 5.91 1.76
CA LEU B 386 8.31 7.11 1.38
C LEU B 386 6.84 6.83 1.06
N LEU B 387 6.58 5.72 0.38
CA LEU B 387 5.26 5.44 -0.18
C LEU B 387 4.55 4.18 0.35
N GLN B 388 5.26 3.28 1.02
CA GLN B 388 4.65 2.01 1.41
C GLN B 388 4.60 1.78 2.92
N LYS B 389 5.69 2.11 3.61
CA LYS B 389 5.80 1.83 5.04
C LYS B 389 5.04 2.87 5.85
N LEU B 390 3.74 2.96 5.58
CA LEU B 390 2.87 3.92 6.24
C LEU B 390 1.52 3.24 6.44
N THR B 391 0.85 3.52 7.55
CA THR B 391 -0.48 2.99 7.78
C THR B 391 -1.44 4.08 8.28
N ARG B 392 -2.72 3.74 8.26
CA ARG B 392 -3.78 4.63 8.71
C ARG B 392 -3.60 5.02 10.19
N ASP B 393 -2.84 4.22 10.94
CA ASP B 393 -2.57 4.45 12.36
C ASP B 393 -1.54 5.55 12.64
N LEU B 394 -0.75 5.92 11.65
CA LEU B 394 0.31 6.90 11.87
C LEU B 394 -0.27 8.26 12.28
N LEU B 395 -1.35 8.67 11.63
CA LEU B 395 -2.00 9.93 11.97
C LEU B 395 -3.40 9.71 12.54
N ASN B 396 -3.72 8.46 12.84
CA ASN B 396 -5.05 8.10 13.34
C ASN B 396 -6.18 8.66 12.46
N CYS B 397 -6.06 8.46 11.16
CA CYS B 397 -7.08 8.90 10.21
C CYS B 397 -8.36 8.13 10.42
N SER B 398 -9.46 8.83 10.67
CA SER B 398 -10.68 8.19 11.15
C SER B 398 -11.96 8.93 10.74
N PHE B 399 -12.99 8.14 10.42
CA PHE B 399 -14.29 8.60 9.93
C PHE B 399 -15.34 8.13 10.92
N LYS B 400 -16.14 9.06 11.44
CA LYS B 400 -17.11 8.71 12.48
C LYS B 400 -18.40 9.50 12.29
N CYS B 401 -19.51 8.90 12.71
CA CYS B 401 -20.80 9.56 12.73
C CYS B 401 -20.91 10.42 13.98
N SER B 402 -21.31 11.69 13.82
CA SER B 402 -21.38 12.62 14.94
C SER B 402 -22.78 13.21 15.12
N TYR B 403 -23.68 12.98 14.17
CA TYR B 403 -24.98 13.63 14.20
C TYR B 403 -25.98 12.85 13.37
N VAL B 404 -27.17 12.65 13.93
CA VAL B 404 -28.25 12.00 13.20
C VAL B 404 -29.55 12.73 13.45
N VAL B 405 -30.50 12.56 12.56
CA VAL B 405 -31.86 13.04 12.83
C VAL B 405 -32.77 11.83 12.70
N THR B 406 -33.51 11.56 13.77
CA THR B 406 -34.41 10.43 13.82
C THR B 406 -35.74 10.95 14.38
N ASN B 407 -36.85 10.58 13.75
CA ASN B 407 -38.16 11.12 14.11
C ASN B 407 -38.15 12.64 14.15
N GLY B 408 -37.39 13.24 13.24
CA GLY B 408 -37.31 14.68 13.11
C GLY B 408 -36.53 15.38 14.21
N LEU B 409 -35.87 14.61 15.06
CA LEU B 409 -35.08 15.18 16.15
C LEU B 409 -33.60 14.92 15.95
N GLY B 410 -32.80 15.97 16.02
CA GLY B 410 -31.35 15.85 15.87
C GLY B 410 -30.70 15.40 17.17
N ILE B 411 -29.80 14.43 17.06
CA ILE B 411 -29.07 13.90 18.20
C ILE B 411 -27.57 13.96 17.95
N ASN B 412 -26.81 14.46 18.92
CA ASN B 412 -25.35 14.43 18.88
C ASN B 412 -24.82 13.08 19.33
N VAL B 413 -24.13 12.39 18.44
CA VAL B 413 -23.69 11.03 18.72
C VAL B 413 -22.18 10.89 18.68
N PHE B 414 -21.66 9.83 19.30
CA PHE B 414 -20.22 9.67 19.49
C PHE B 414 -19.89 8.32 20.10
N LYS B 415 -18.63 7.91 20.01
CA LYS B 415 -18.15 6.78 20.78
C LYS B 415 -17.21 7.33 21.84
N ASP B 416 -17.02 6.57 22.91
CA ASP B 416 -16.13 6.98 23.99
C ASP B 416 -15.73 5.74 24.79
N PRO B 417 -14.89 4.88 24.19
CA PRO B 417 -14.55 3.58 24.81
C PRO B 417 -13.84 3.74 26.15
N VAL B 418 -14.32 3.04 27.17
CA VAL B 418 -13.82 3.20 28.54
C VAL B 418 -12.30 2.95 28.66
N ALA B 419 -11.78 2.02 27.87
CA ALA B 419 -10.37 1.63 27.99
C ALA B 419 -9.45 2.40 27.06
N ASP B 420 -10.00 3.30 26.24
CA ASP B 420 -9.17 4.11 25.36
C ASP B 420 -9.79 5.48 25.05
N PRO B 421 -9.53 6.48 25.92
CA PRO B 421 -10.06 7.83 25.72
C PRO B 421 -9.53 8.48 24.43
N ASN B 422 -8.43 7.95 23.91
CA ASN B 422 -7.90 8.43 22.63
C ASN B 422 -8.83 8.13 21.47
N LYS B 423 -9.74 7.17 21.65
CA LYS B 423 -10.69 6.82 20.58
C LYS B 423 -12.04 7.54 20.69
N ARG B 424 -12.18 8.43 21.66
CA ARG B 424 -13.38 9.23 21.78
C ARG B 424 -13.58 10.04 20.50
N SER B 425 -14.82 10.14 20.01
CA SER B 425 -15.10 10.90 18.80
C SER B 425 -15.87 12.20 19.10
N LYS B 426 -15.89 13.12 18.14
CA LYS B 426 -16.52 14.41 18.34
C LYS B 426 -18.03 14.30 18.26
N LYS B 427 -18.73 15.24 18.90
CA LYS B 427 -20.19 15.19 18.99
C LYS B 427 -20.90 16.28 18.19
N GLY B 428 -21.93 15.89 17.44
CA GLY B 428 -22.81 16.86 16.82
C GLY B 428 -22.28 17.42 15.50
N ARG B 429 -22.92 18.49 15.05
CA ARG B 429 -22.53 19.15 13.81
C ARG B 429 -21.23 19.92 14.01
N LEU B 430 -20.31 19.76 13.07
CA LEU B 430 -18.96 20.31 13.25
C LEU B 430 -18.65 21.44 12.30
N SER B 431 -17.78 22.34 12.73
CA SER B 431 -17.28 23.39 11.86
C SER B 431 -15.86 23.73 12.27
N LEU B 432 -15.10 24.29 11.33
CA LEU B 432 -13.70 24.65 11.54
C LEU B 432 -13.56 26.17 11.54
N HIS B 433 -12.76 26.69 12.47
CA HIS B 433 -12.68 28.14 12.66
C HIS B 433 -11.26 28.58 12.99
N ARG B 434 -11.00 29.86 12.74
CA ARG B 434 -9.78 30.50 13.20
C ARG B 434 -10.00 31.01 14.60
N THR B 435 -9.01 30.82 15.46
CA THR B 435 -9.09 31.33 16.83
C THR B 435 -8.60 32.77 16.84
N PRO B 436 -8.80 33.48 17.97
CA PRO B 436 -8.31 34.86 18.04
C PRO B 436 -6.81 34.97 17.82
N ALA B 437 -6.06 33.91 18.10
CA ALA B 437 -4.62 33.92 17.90
C ALA B 437 -4.22 33.43 16.51
N GLY B 438 -5.19 33.11 15.66
CA GLY B 438 -4.90 32.69 14.30
C GLY B 438 -4.69 31.20 14.09
N ASN B 439 -5.04 30.39 15.09
CA ASN B 439 -4.93 28.95 14.95
C ASN B 439 -6.26 28.36 14.51
N PHE B 440 -6.29 27.04 14.34
CA PHE B 440 -7.51 26.33 14.00
C PHE B 440 -8.18 25.78 15.25
N VAL B 441 -9.51 25.74 15.24
CA VAL B 441 -10.27 25.05 16.26
C VAL B 441 -11.49 24.43 15.60
N THR B 442 -11.88 23.25 16.06
CA THR B 442 -13.10 22.60 15.63
C THR B 442 -14.17 22.76 16.70
N LEU B 443 -15.29 23.37 16.31
CA LEU B 443 -16.43 23.52 17.21
C LEU B 443 -17.38 22.34 17.02
N GLU B 444 -17.88 21.81 18.14
CA GLU B 444 -18.77 20.66 18.11
C GLU B 444 -20.20 21.09 18.45
N GLU B 445 -21.14 20.14 18.39
CA GLU B 445 -22.51 20.35 18.84
C GLU B 445 -23.20 21.54 18.16
N GLY B 446 -22.77 21.83 16.94
CA GLY B 446 -23.35 22.93 16.18
C GLY B 446 -23.00 24.31 16.68
N LYS B 447 -22.08 24.41 17.63
CA LYS B 447 -21.75 25.70 18.26
C LYS B 447 -21.19 26.73 17.28
N GLY B 448 -20.75 26.27 16.11
CA GLY B 448 -20.32 27.17 15.06
C GLY B 448 -21.45 28.13 14.69
N ASP B 449 -22.69 27.70 14.89
CA ASP B 449 -23.85 28.52 14.56
C ASP B 449 -24.04 29.73 15.50
N LEU B 450 -23.37 29.69 16.65
CA LEU B 450 -23.47 30.81 17.59
C LEU B 450 -22.69 32.01 17.05
N GLU B 451 -21.87 31.78 16.03
CA GLU B 451 -21.15 32.83 15.32
C GLU B 451 -20.18 33.61 16.23
N GLU B 452 -19.61 32.92 17.22
CA GLU B 452 -18.67 33.53 18.15
C GLU B 452 -17.25 33.37 17.62
N TYR B 453 -17.11 32.57 16.57
CA TYR B 453 -15.80 32.21 16.04
C TYR B 453 -15.72 32.44 14.54
N GLY B 454 -16.56 33.33 14.02
CA GLY B 454 -16.54 33.67 12.62
C GLY B 454 -17.03 32.54 11.71
N GLN B 455 -16.62 32.60 10.45
CA GLN B 455 -17.13 31.68 9.44
C GLN B 455 -16.49 30.30 9.52
N ASP B 456 -17.27 29.29 9.13
CA ASP B 456 -16.78 27.93 8.94
C ASP B 456 -15.74 27.95 7.81
N LEU B 457 -14.57 27.36 8.05
CA LEU B 457 -13.51 27.31 7.06
C LEU B 457 -13.61 26.16 6.06
N LEU B 458 -14.44 25.15 6.36
CA LEU B 458 -14.74 24.11 5.38
C LEU B 458 -15.52 24.70 4.20
N HIS B 459 -15.34 24.14 3.01
CA HIS B 459 -16.12 24.52 1.85
C HIS B 459 -16.86 23.31 1.29
N THR B 460 -18.05 23.52 0.74
CA THR B 460 -18.74 22.46 0.02
C THR B 460 -17.94 22.07 -1.23
N VAL B 461 -17.47 20.83 -1.27
CA VAL B 461 -16.67 20.35 -2.40
C VAL B 461 -17.41 19.35 -3.29
N PHE B 462 -18.49 18.77 -2.76
CA PHE B 462 -19.27 17.79 -3.52
C PHE B 462 -20.72 17.95 -3.11
N LYS B 463 -21.63 17.96 -4.08
CA LYS B 463 -23.05 18.03 -3.77
C LYS B 463 -23.89 17.43 -4.89
N ASN B 464 -24.65 16.41 -4.55
CA ASN B 464 -25.62 15.78 -5.44
C ASN B 464 -25.00 15.31 -6.77
N GLY B 465 -23.86 14.65 -6.67
CA GLY B 465 -23.19 14.11 -7.84
C GLY B 465 -22.26 15.07 -8.55
N LYS B 466 -22.15 16.30 -8.05
CA LYS B 466 -21.27 17.27 -8.69
C LYS B 466 -20.13 17.73 -7.78
N VAL B 467 -18.93 17.84 -8.36
CA VAL B 467 -17.83 18.50 -7.68
C VAL B 467 -18.03 20.01 -7.76
N THR B 468 -18.12 20.64 -6.59
CA THR B 468 -18.53 22.04 -6.51
C THR B 468 -17.37 22.96 -6.19
N LYS B 469 -16.24 22.40 -5.79
CA LYS B 469 -15.06 23.23 -5.53
C LYS B 469 -13.79 22.40 -5.67
N SER B 470 -12.75 23.00 -6.25
CA SER B 470 -11.55 22.23 -6.56
C SER B 470 -10.31 23.11 -6.60
N TYR B 471 -9.14 22.47 -6.59
CA TYR B 471 -7.88 23.16 -6.45
C TYR B 471 -6.85 22.66 -7.46
N SER B 472 -6.09 23.58 -8.06
CA SER B 472 -5.00 23.18 -8.93
C SER B 472 -3.87 22.66 -8.07
N PHE B 473 -2.97 21.91 -8.69
CA PHE B 473 -1.85 21.37 -7.94
C PHE B 473 -0.90 22.47 -7.53
N ASP B 474 -0.90 23.56 -8.30
CA ASP B 474 -0.12 24.74 -7.93
C ASP B 474 -0.61 25.37 -6.61
N GLU B 475 -1.91 25.52 -6.43
N GLU B 475 -1.92 25.51 -6.48
CA GLU B 475 -2.39 26.12 -5.18
CA GLU B 475 -2.55 26.03 -5.26
C GLU B 475 -2.23 25.15 -3.99
C GLU B 475 -2.14 25.17 -4.08
N ILE B 476 -2.31 23.87 -4.25
CA ILE B 476 -2.06 22.88 -3.21
C ILE B 476 -0.61 22.98 -2.71
N ARG B 477 0.33 23.14 -3.63
CA ARG B 477 1.74 23.31 -3.26
C ARG B 477 1.93 24.58 -2.43
N LYS B 478 1.27 25.67 -2.83
CA LYS B 478 1.41 26.93 -2.11
C LYS B 478 0.86 26.78 -0.69
N ASN B 479 -0.28 26.12 -0.56
CA ASN B 479 -0.86 25.87 0.77
C ASN B 479 0.05 25.02 1.66
N ALA B 480 0.79 24.10 1.05
CA ALA B 480 1.59 23.13 1.81
C ALA B 480 3.01 23.60 2.14
N GLN B 481 3.37 24.81 1.71
CA GLN B 481 4.69 25.36 1.98
C GLN B 481 5.10 25.31 3.44
N LEU B 482 6.41 25.21 3.68
CA LEU B 482 6.95 25.23 5.03
C LEU B 482 6.95 26.66 5.54
N ASN B 483 6.84 26.83 6.86
CA ASN B 483 6.96 28.17 7.44
C ASN B 483 8.26 28.84 7.00
N ILE B 484 9.38 28.12 7.11
CA ILE B 484 10.69 28.64 6.75
C ILE B 484 10.77 29.07 5.28
N GLU B 485 10.04 28.37 4.41
CA GLU B 485 9.92 28.75 3.01
C GLU B 485 9.15 30.06 2.85
N LEU B 486 8.05 30.18 3.57
CA LEU B 486 7.21 31.39 3.53
C LEU B 486 7.98 32.63 3.96
P PO4 C . 16.70 -4.57 -3.75
O1 PO4 C . 15.69 -4.94 -4.80
O2 PO4 C . 16.52 -5.47 -2.55
O3 PO4 C . 18.09 -4.73 -4.32
O4 PO4 C . 16.48 -3.13 -3.34
P PO4 D . -15.97 0.25 13.10
O1 PO4 D . -16.89 1.34 13.63
O2 PO4 D . -14.86 -0.06 14.09
O3 PO4 D . -16.70 -1.02 12.79
O4 PO4 D . -15.36 0.77 11.80
C1 EDO E . -19.23 6.03 15.30
O1 EDO E . -19.45 6.44 13.94
C2 EDO E . -19.16 7.23 16.24
O2 EDO E . -20.47 7.73 16.43
C1 EDO F . -17.84 -11.87 12.24
O1 EDO F . -17.09 -13.09 12.27
C2 EDO F . -17.11 -10.89 11.35
O2 EDO F . -17.92 -9.74 11.09
C1 EDO G . -10.77 -2.03 14.13
O1 EDO G . -9.87 -2.53 13.13
C2 EDO G . -10.19 -0.82 14.82
O2 EDO G . -8.81 -1.02 15.16
C1 EDO H . 4.40 -27.49 -3.96
O1 EDO H . 5.05 -28.13 -2.86
C2 EDO H . 3.08 -26.89 -3.49
O2 EDO H . 3.32 -25.86 -2.52
P PO4 I . -10.67 3.77 13.71
O1 PO4 I . -11.13 4.42 12.44
O2 PO4 I . -11.85 3.71 14.65
O3 PO4 I . -10.17 2.38 13.39
O4 PO4 I . -9.55 4.58 14.34
P PO4 J . 18.89 -0.76 -8.44
O1 PO4 J . 17.43 -1.09 -8.28
O2 PO4 J . 19.52 -0.62 -7.07
O3 PO4 J . 19.58 -1.88 -9.20
O4 PO4 J . 18.97 0.59 -9.10
C1 EDO K . 21.91 -6.41 -11.28
O1 EDO K . 20.62 -6.73 -11.77
C2 EDO K . 22.67 -7.65 -10.79
O2 EDO K . 23.32 -8.25 -11.89
C1 EDO L . 19.98 11.61 -8.89
O1 EDO L . 19.55 12.93 -8.56
C2 EDO L . 18.76 10.71 -8.86
O2 EDO L . 18.83 9.80 -9.96
C1 EDO M . -7.26 28.15 -0.76
O1 EDO M . -6.41 27.29 -1.55
C2 EDO M . -6.47 29.39 -0.38
O2 EDO M . -5.37 29.02 0.45
C1 EDO N . 17.33 1.08 -3.18
O1 EDO N . 16.44 2.07 -2.66
C2 EDO N . 17.89 0.24 -2.05
O2 EDO N . 16.87 -0.60 -1.47
#